data_8ZX8
#
_entry.id   8ZX8
#
_cell.length_a   47.802
_cell.length_b   86.535
_cell.length_c   87.635
_cell.angle_alpha   90.000
_cell.angle_beta   95.709
_cell.angle_gamma   90.000
#
_symmetry.space_group_name_H-M   'P 1 21 1'
#
loop_
_entity.id
_entity.type
_entity.pdbx_description
1 polymer 'Beta-1,3-galactosyltransferase 5'
2 branched 2-acetamido-2-deoxy-beta-D-glucopyranose-(1-4)-2-acetamido-2-deoxy-beta-D-glucopyranose
3 branched alpha-L-fucopyranose-(1-6)-2-acetamido-2-deoxy-beta-D-glucopyranose
4 branched alpha-D-mannopyranose-(1-3)-[alpha-D-mannopyranose-(1-6)]beta-D-mannopyranose-(1-4)-2-acetamido-2-deoxy-beta-D-glucopyranose-(1-4)-[alpha-L-fucopyranose-(1-6)]2-acetamido-2-deoxy-beta-D-glucopyranose
5 branched 2-acetamido-2-deoxy-beta-D-galactopyranose-(1-3)-alpha-D-galactopyranose-(1-4)-beta-D-galactopyranose-(1-4)-beta-D-glucopyranose
6 branched 2-acetamido-2-deoxy-beta-D-galactopyranose-(1-3)-alpha-D-galactopyranose-(1-4)-beta-D-galactopyranose
7 non-polymer 'MANGANESE (II) ION'
8 non-polymer "URIDINE-5'-DIPHOSPHATE"
9 non-polymer 2-[3-(2-HYDROXY-1,1-DIHYDROXYMETHYL-ETHYLAMINO)-PROPYLAMINO]-2-HYDROXYMETHYL-PROPANE-1,3-DIOL
10 non-polymer DI(HYDROXYETHYL)ETHER
11 non-polymer beta-D-galactopyranose
12 water water
#
_entity_poly.entity_id   1
_entity_poly.type   'polypeptide(L)'
_entity_poly.pdbx_seq_one_letter_code
;FKEQSFVYKKDGNFLKLPDTDCRQTPPFLVLLVTSSHKQLAERMAIRQTWGKERMVKGKQLKTFFLLGTTSSAAETKEVD
QESQRHGDIIQKDFLDVYYNLTLKTMMGIEWVHRFCPQAAFVMKTDSDMFINVDYLTELLLKKNRTTRFFTGFLKLNEFP
IRQPFSKWFVSKSEYPWDRYPPFCSGTGYVFSGDVASQVYNVSKSVPYIKLEDVFVGLCLERLNIRLEELHSQPTFFPGG
LRFSVCLFRRIVACHFIKPRTLLDYWQALENSRGEDCP
;
_entity_poly.pdbx_strand_id   A,B
#
loop_
_chem_comp.id
_chem_comp.type
_chem_comp.name
_chem_comp.formula
B3P non-polymer 2-[3-(2-HYDROXY-1,1-DIHYDROXYMETHYL-ETHYLAMINO)-PROPYLAMINO]-2-HYDROXYMETHYL-PROPANE-1,3-DIOL 'C11 H26 N2 O6'
BGC D-saccharide, beta linking beta-D-glucopyranose 'C6 H12 O6'
BMA D-saccharide, beta linking beta-D-mannopyranose 'C6 H12 O6'
FUC L-saccharide, alpha linking alpha-L-fucopyranose 'C6 H12 O5'
GAL D-saccharide, beta linking beta-D-galactopyranose 'C6 H12 O6'
GLA D-saccharide, alpha linking alpha-D-galactopyranose 'C6 H12 O6'
MAN D-saccharide, alpha linking alpha-D-mannopyranose 'C6 H12 O6'
MN non-polymer 'MANGANESE (II) ION' 'Mn 2'
NAG D-saccharide, beta linking 2-acetamido-2-deoxy-beta-D-glucopyranose 'C8 H15 N O6'
NGA D-saccharide, beta linking 2-acetamido-2-deoxy-beta-D-galactopyranose 'C8 H15 N O6'
PEG non-polymer DI(HYDROXYETHYL)ETHER 'C4 H10 O3'
UDP RNA linking URIDINE-5'-DIPHOSPHATE 'C9 H14 N2 O12 P2'
#
# COMPACT_ATOMS: atom_id res chain seq x y z
N GLY A 12 -13.75 -7.07 -0.81
CA GLY A 12 -14.43 -7.56 0.36
C GLY A 12 -13.88 -7.10 1.69
N ASN A 13 -13.64 -5.79 1.82
CA ASN A 13 -13.20 -5.16 3.07
C ASN A 13 -11.73 -5.45 3.40
N PHE A 14 -10.85 -5.53 2.40
CA PHE A 14 -9.44 -5.78 2.67
C PHE A 14 -8.73 -4.48 3.02
N LEU A 15 -7.96 -4.49 4.11
CA LEU A 15 -7.14 -3.34 4.45
C LEU A 15 -5.86 -3.27 3.61
N LYS A 16 -5.28 -4.42 3.31
CA LYS A 16 -4.10 -4.51 2.45
C LYS A 16 -4.31 -5.58 1.40
N LEU A 17 -3.93 -5.26 0.16
CA LEU A 17 -3.99 -6.17 -0.98
C LEU A 17 -2.63 -6.22 -1.65
N PRO A 18 -2.07 -7.41 -1.92
CA PRO A 18 -0.77 -7.46 -2.62
C PRO A 18 -0.85 -6.86 -4.01
N ASP A 19 0.23 -6.19 -4.40
CA ASP A 19 0.40 -5.57 -5.72
C ASP A 19 0.73 -6.68 -6.71
N THR A 20 -0.33 -7.41 -7.04
CA THR A 20 -0.19 -8.53 -8.00
C THR A 20 -1.40 -8.57 -8.87
N ASP A 21 -1.24 -9.11 -10.07
CA ASP A 21 -2.32 -9.20 -11.05
C ASP A 21 -2.36 -10.61 -11.63
N CYS A 22 -3.18 -11.49 -11.04
CA CYS A 22 -3.22 -12.89 -11.47
C CYS A 22 -3.88 -13.09 -12.84
N ARG A 23 -4.70 -12.15 -13.30
CA ARG A 23 -5.25 -12.27 -14.64
C ARG A 23 -4.15 -12.14 -15.67
N GLN A 24 -3.28 -11.13 -15.50
CA GLN A 24 -2.16 -10.93 -16.41
C GLN A 24 -1.22 -12.14 -16.38
N THR A 25 -0.78 -12.54 -15.19
CA THR A 25 0.20 -13.61 -14.99
C THR A 25 -0.34 -14.61 -14.00
N PRO A 26 -1.16 -15.56 -14.44
CA PRO A 26 -1.71 -16.56 -13.54
C PRO A 26 -0.60 -17.33 -12.84
N PRO A 27 -0.59 -17.36 -11.52
CA PRO A 27 0.46 -18.13 -10.83
C PRO A 27 0.17 -19.63 -10.88
N PHE A 28 1.25 -20.41 -10.91
CA PHE A 28 1.06 -21.84 -10.79
C PHE A 28 0.83 -22.22 -9.34
N LEU A 29 1.60 -21.61 -8.42
CA LEU A 29 1.46 -21.93 -7.01
C LEU A 29 1.47 -20.63 -6.23
N VAL A 30 0.47 -20.46 -5.37
CA VAL A 30 0.40 -19.33 -4.46
C VAL A 30 0.56 -19.88 -3.06
N LEU A 31 1.53 -19.36 -2.31
CA LEU A 31 1.71 -19.68 -0.90
C LEU A 31 1.05 -18.59 -0.07
N LEU A 32 0.19 -19.03 0.84
CA LEU A 32 -0.44 -18.11 1.80
C LEU A 32 0.12 -18.51 3.18
N VAL A 33 0.88 -17.63 3.79
CA VAL A 33 1.58 -17.94 5.07
C VAL A 33 0.93 -17.20 6.23
N THR A 34 0.61 -17.95 7.27
CA THR A 34 0.02 -17.36 8.48
C THR A 34 1.14 -16.96 9.41
N SER A 35 1.00 -15.81 10.05
CA SER A 35 2.01 -15.34 11.02
C SER A 35 1.44 -14.20 11.86
N SER A 36 1.88 -14.07 13.10
CA SER A 36 1.47 -12.94 13.96
C SER A 36 2.29 -11.70 13.56
N HIS A 37 1.87 -10.51 13.97
CA HIS A 37 2.55 -9.26 13.58
C HIS A 37 3.97 -9.18 14.12
N LYS A 38 4.20 -9.77 15.30
CA LYS A 38 5.53 -9.72 15.94
C LYS A 38 6.49 -10.70 15.26
N GLN A 39 5.96 -11.60 14.43
CA GLN A 39 6.80 -12.64 13.80
C GLN A 39 7.40 -12.12 12.49
N LEU A 40 7.97 -10.92 12.52
CA LEU A 40 8.69 -10.41 11.35
C LEU A 40 9.89 -11.28 11.00
N ALA A 41 10.63 -11.77 11.99
CA ALA A 41 11.79 -12.62 11.69
C ALA A 41 11.39 -13.84 10.87
N GLU A 42 10.27 -14.47 11.23
CA GLU A 42 9.73 -15.59 10.47
C GLU A 42 9.50 -15.18 9.02
N ARG A 43 8.80 -14.07 8.81
CA ARG A 43 8.46 -13.68 7.46
C ARG A 43 9.70 -13.32 6.65
N MET A 44 10.67 -12.65 7.26
CA MET A 44 11.89 -12.34 6.52
C MET A 44 12.64 -13.61 6.14
N ALA A 45 12.73 -14.58 7.06
CA ALA A 45 13.42 -15.82 6.71
C ALA A 45 12.71 -16.53 5.56
N ILE A 46 11.38 -16.52 5.53
CA ILE A 46 10.64 -17.14 4.41
C ILE A 46 10.90 -16.34 3.13
N ARG A 47 10.89 -15.01 3.21
CA ARG A 47 11.10 -14.13 2.04
C ARG A 47 12.48 -14.35 1.43
N GLN A 48 13.48 -14.68 2.25
CA GLN A 48 14.83 -14.99 1.74
C GLN A 48 14.94 -16.45 1.30
N THR A 49 14.03 -17.32 1.73
CA THR A 49 14.16 -18.77 1.42
C THR A 49 13.09 -19.28 0.47
N TRP A 50 12.19 -20.15 0.92
CA TRP A 50 11.18 -20.79 0.04
C TRP A 50 10.05 -19.84 -0.43
N GLY A 51 10.00 -18.62 0.09
CA GLY A 51 8.98 -17.64 -0.32
C GLY A 51 9.46 -16.74 -1.42
N LYS A 52 10.73 -16.82 -1.79
CA LYS A 52 11.30 -15.98 -2.89
C LYS A 52 10.53 -16.28 -4.17
N GLU A 53 9.90 -15.26 -4.72
CA GLU A 53 9.10 -15.45 -5.94
C GLU A 53 10.06 -15.80 -7.07
N ARG A 54 9.70 -16.79 -7.88
CA ARG A 54 10.61 -17.26 -8.93
C ARG A 54 9.88 -18.20 -9.88
N MET A 55 10.52 -18.53 -10.99
CA MET A 55 9.93 -19.53 -11.91
C MET A 55 10.50 -20.88 -11.51
N VAL A 56 9.62 -21.83 -11.20
CA VAL A 56 10.02 -23.17 -10.79
C VAL A 56 9.59 -24.09 -11.92
N LYS A 57 10.56 -24.58 -12.70
CA LYS A 57 10.27 -25.40 -13.87
C LYS A 57 9.34 -24.65 -14.83
N GLY A 58 9.55 -23.34 -14.95
CA GLY A 58 8.74 -22.50 -15.80
C GLY A 58 7.38 -22.14 -15.25
N LYS A 59 7.12 -22.43 -13.97
CA LYS A 59 5.83 -22.15 -13.36
C LYS A 59 5.99 -21.04 -12.33
N GLN A 60 5.06 -20.08 -12.31
CA GLN A 60 5.23 -18.95 -11.41
C GLN A 60 4.82 -19.30 -9.98
N LEU A 61 5.71 -18.97 -9.04
CA LEU A 61 5.44 -19.05 -7.60
C LEU A 61 5.21 -17.64 -7.06
N LYS A 62 4.14 -17.47 -6.28
CA LYS A 62 3.87 -16.22 -5.58
C LYS A 62 3.68 -16.50 -4.09
N THR A 63 4.09 -15.56 -3.25
CA THR A 63 4.04 -15.75 -1.79
C THR A 63 3.44 -14.54 -1.11
N PHE A 64 2.41 -14.76 -0.28
CA PHE A 64 1.74 -13.69 0.44
C PHE A 64 1.59 -14.09 1.90
N PHE A 65 1.57 -13.09 2.77
CA PHE A 65 1.44 -13.26 4.21
C PHE A 65 0.09 -12.77 4.71
N LEU A 66 -0.60 -13.61 5.50
CA LEU A 66 -1.94 -13.33 5.99
C LEU A 66 -1.86 -12.69 7.36
N LEU A 67 -2.42 -11.50 7.53
CA LEU A 67 -2.40 -10.82 8.81
C LEU A 67 -3.79 -10.29 9.12
N GLY A 68 -4.13 -10.27 10.40
CA GLY A 68 -5.23 -9.49 10.88
C GLY A 68 -4.75 -8.17 11.46
N THR A 69 -5.50 -7.66 12.43
CA THR A 69 -5.17 -6.41 13.11
C THR A 69 -4.79 -6.71 14.55
N THR A 70 -4.22 -5.69 15.21
CA THR A 70 -3.82 -5.81 16.60
C THR A 70 -4.12 -4.51 17.33
N SER A 71 -4.21 -4.62 18.66
CA SER A 71 -4.42 -3.43 19.48
C SER A 71 -3.16 -2.56 19.53
N SER A 72 -1.98 -3.18 19.51
CA SER A 72 -0.72 -2.46 19.58
C SER A 72 -0.55 -1.50 18.41
N ALA A 73 -0.42 -0.20 18.73
CA ALA A 73 -0.18 0.78 17.68
C ALA A 73 1.22 0.62 17.08
N ALA A 74 2.19 0.18 17.88
CA ALA A 74 3.53 -0.06 17.38
C ALA A 74 3.53 -1.16 16.33
N GLU A 75 2.92 -2.30 16.64
CA GLU A 75 2.85 -3.39 15.68
C GLU A 75 2.07 -2.98 14.43
N THR A 76 0.98 -2.23 14.62
CA THR A 76 0.23 -1.72 13.48
C THR A 76 1.16 -0.93 12.55
N LYS A 77 1.96 -0.03 13.12
CA LYS A 77 2.83 0.79 12.29
C LYS A 77 3.92 -0.04 11.63
N GLU A 78 4.49 -0.98 12.37
CA GLU A 78 5.49 -1.89 11.79
C GLU A 78 4.93 -2.59 10.57
N VAL A 79 3.71 -3.14 10.70
CA VAL A 79 3.12 -3.92 9.61
C VAL A 79 2.75 -3.01 8.45
N ASP A 80 2.26 -1.80 8.72
CA ASP A 80 2.03 -0.84 7.66
C ASP A 80 3.31 -0.60 6.85
N GLN A 81 4.42 -0.36 7.54
CA GLN A 81 5.71 -0.12 6.85
C GLN A 81 6.16 -1.35 6.07
N GLU A 82 6.00 -2.54 6.64
CA GLU A 82 6.37 -3.80 5.96
C GLU A 82 5.58 -3.93 4.64
N SER A 83 4.27 -3.68 4.69
CA SER A 83 3.45 -3.77 3.46
C SER A 83 3.97 -2.79 2.40
N GLN A 84 4.41 -1.61 2.83
CA GLN A 84 4.91 -0.59 1.87
C GLN A 84 6.24 -1.06 1.25
N ARG A 85 7.09 -1.70 2.03
CA ARG A 85 8.39 -2.18 1.50
C ARG A 85 8.23 -3.49 0.71
N HIS A 86 7.32 -4.39 1.14
CA HIS A 86 7.28 -5.73 0.48
C HIS A 86 6.04 -5.94 -0.40
N GLY A 87 4.93 -5.31 -0.07
CA GLY A 87 3.72 -5.40 -0.92
C GLY A 87 3.20 -6.82 -1.06
N ASP A 88 3.35 -7.62 -0.01
CA ASP A 88 2.95 -9.02 -0.11
C ASP A 88 2.11 -9.44 1.08
N ILE A 89 1.42 -8.49 1.71
CA ILE A 89 0.59 -8.75 2.87
C ILE A 89 -0.88 -8.65 2.47
N ILE A 90 -1.66 -9.66 2.84
CA ILE A 90 -3.11 -9.68 2.72
C ILE A 90 -3.66 -9.43 4.13
N GLN A 91 -4.47 -8.38 4.30
CA GLN A 91 -4.94 -8.02 5.62
C GLN A 91 -6.42 -7.67 5.63
N LYS A 92 -7.11 -8.13 6.67
CA LYS A 92 -8.47 -7.69 6.97
C LYS A 92 -8.54 -7.32 8.46
N ASP A 93 -9.61 -6.60 8.82
CA ASP A 93 -9.76 -6.08 10.19
C ASP A 93 -10.42 -7.13 11.09
N PHE A 94 -9.60 -8.04 11.59
CA PHE A 94 -10.02 -8.95 12.64
C PHE A 94 -8.87 -9.09 13.61
N LEU A 95 -9.19 -9.22 14.89
CA LEU A 95 -8.16 -9.35 15.90
C LEU A 95 -7.31 -10.60 15.63
N ASP A 96 -6.02 -10.40 15.40
CA ASP A 96 -5.14 -11.49 14.98
C ASP A 96 -4.64 -12.22 16.23
N VAL A 97 -5.35 -13.30 16.61
CA VAL A 97 -4.98 -14.14 17.75
C VAL A 97 -5.20 -15.59 17.38
N TYR A 98 -4.62 -16.53 18.13
CA TYR A 98 -4.70 -17.97 17.77
C TYR A 98 -6.14 -18.41 17.54
N TYR A 99 -7.05 -17.98 18.40
CA TYR A 99 -8.46 -18.46 18.30
C TYR A 99 -9.23 -17.76 17.17
N ASN A 100 -8.57 -16.88 16.44
CA ASN A 100 -9.16 -16.32 15.23
C ASN A 100 -8.51 -16.86 13.95
N LEU A 101 -7.69 -17.90 14.05
CA LEU A 101 -7.07 -18.46 12.85
C LEU A 101 -8.08 -18.86 11.78
N THR A 102 -9.31 -19.23 12.16
CA THR A 102 -10.27 -19.58 11.12
C THR A 102 -10.60 -18.36 10.23
N LEU A 103 -10.80 -17.19 10.84
CA LEU A 103 -10.97 -15.98 10.05
C LEU A 103 -9.77 -15.77 9.15
N LYS A 104 -8.58 -16.00 9.68
CA LYS A 104 -7.39 -15.72 8.88
C LYS A 104 -7.38 -16.62 7.66
N THR A 105 -7.66 -17.92 7.86
CA THR A 105 -7.67 -18.84 6.73
C THR A 105 -8.75 -18.43 5.75
N MET A 106 -9.91 -18.05 6.26
CA MET A 106 -10.98 -17.73 5.32
C MET A 106 -10.64 -16.45 4.58
N MET A 107 -9.89 -15.54 5.22
CA MET A 107 -9.43 -14.36 4.49
C MET A 107 -8.57 -14.77 3.31
N GLY A 108 -7.63 -15.69 3.54
CA GLY A 108 -6.78 -16.11 2.45
C GLY A 108 -7.60 -16.75 1.36
N ILE A 109 -8.57 -17.57 1.75
CA ILE A 109 -9.34 -18.25 0.72
C ILE A 109 -10.18 -17.24 -0.03
N GLU A 110 -10.67 -16.22 0.69
CA GLU A 110 -11.46 -15.18 0.05
C GLU A 110 -10.60 -14.42 -0.93
N TRP A 111 -9.35 -14.17 -0.55
CA TRP A 111 -8.47 -13.43 -1.44
C TRP A 111 -8.31 -14.21 -2.74
N VAL A 112 -8.05 -15.52 -2.62
CA VAL A 112 -7.88 -16.31 -3.83
C VAL A 112 -9.13 -16.21 -4.68
N HIS A 113 -10.29 -16.35 -4.02
CA HIS A 113 -11.54 -16.35 -4.77
C HIS A 113 -11.72 -15.02 -5.48
N ARG A 114 -11.43 -13.92 -4.80
CA ARG A 114 -11.81 -12.63 -5.37
C ARG A 114 -10.75 -12.08 -6.30
N PHE A 115 -9.48 -12.36 -6.01
CA PHE A 115 -8.41 -11.68 -6.72
C PHE A 115 -7.45 -12.61 -7.43
N CYS A 116 -7.50 -13.92 -7.18
CA CYS A 116 -6.58 -14.80 -7.88
C CYS A 116 -7.22 -16.13 -8.20
N PRO A 117 -8.40 -16.14 -8.84
CA PRO A 117 -9.00 -17.41 -9.24
C PRO A 117 -8.22 -18.13 -10.32
N GLN A 118 -7.23 -17.46 -10.91
CA GLN A 118 -6.38 -18.08 -11.93
C GLN A 118 -5.33 -19.02 -11.35
N ALA A 119 -5.07 -18.95 -10.04
CA ALA A 119 -4.04 -19.80 -9.44
C ALA A 119 -4.34 -21.26 -9.70
N ALA A 120 -3.34 -22.00 -10.21
CA ALA A 120 -3.54 -23.44 -10.38
C ALA A 120 -3.64 -24.14 -9.03
N PHE A 121 -2.75 -23.76 -8.13
CA PHE A 121 -2.70 -24.43 -6.82
C PHE A 121 -2.43 -23.39 -5.76
N VAL A 122 -2.90 -23.68 -4.57
CA VAL A 122 -2.71 -22.74 -3.44
C VAL A 122 -2.26 -23.57 -2.23
N MET A 123 -1.20 -23.13 -1.57
CA MET A 123 -0.76 -23.82 -0.33
C MET A 123 -0.94 -22.87 0.86
N LYS A 124 -1.72 -23.31 1.85
CA LYS A 124 -1.83 -22.54 3.11
C LYS A 124 -0.77 -23.13 4.05
N THR A 125 0.13 -22.29 4.55
CA THR A 125 1.21 -22.83 5.38
C THR A 125 1.41 -22.00 6.62
N ASP A 126 2.17 -22.57 7.54
CA ASP A 126 2.50 -21.88 8.78
C ASP A 126 3.87 -21.22 8.65
N SER A 127 4.30 -20.50 9.68
CA SER A 127 5.57 -19.72 9.61
C SER A 127 6.77 -20.56 10.08
N ASP A 128 6.54 -21.55 10.93
CA ASP A 128 7.64 -22.41 11.48
C ASP A 128 7.76 -23.62 10.57
N MET A 129 8.04 -23.35 9.30
CA MET A 129 8.02 -24.45 8.35
C MET A 129 9.06 -24.36 7.24
N PHE A 130 9.56 -25.52 6.83
CA PHE A 130 10.34 -25.64 5.60
C PHE A 130 9.44 -26.19 4.51
N ILE A 131 9.44 -25.53 3.34
CA ILE A 131 8.64 -25.95 2.20
CA ILE A 131 8.64 -25.99 2.20
C ILE A 131 9.58 -26.18 1.03
N ASN A 132 9.46 -27.34 0.38
CA ASN A 132 10.28 -27.63 -0.80
C ASN A 132 9.37 -27.42 -2.00
N VAL A 133 9.38 -26.18 -2.50
CA VAL A 133 8.49 -25.82 -3.59
C VAL A 133 8.86 -26.55 -4.86
N ASP A 134 10.15 -26.83 -5.07
CA ASP A 134 10.58 -27.54 -6.28
C ASP A 134 9.97 -28.93 -6.35
N TYR A 135 10.05 -29.67 -5.24
CA TYR A 135 9.52 -31.02 -5.21
C TYR A 135 8.00 -31.00 -5.23
N LEU A 136 7.39 -30.04 -4.51
CA LEU A 136 5.93 -29.91 -4.55
C LEU A 136 5.44 -29.68 -5.98
N THR A 137 6.07 -28.74 -6.67
CA THR A 137 5.69 -28.45 -8.06
C THR A 137 5.82 -29.70 -8.93
N GLU A 138 6.94 -30.42 -8.81
CA GLU A 138 7.11 -31.66 -9.55
C GLU A 138 5.98 -32.65 -9.28
N LEU A 139 5.62 -32.83 -7.99
CA LEU A 139 4.56 -33.78 -7.66
C LEU A 139 3.19 -33.30 -8.17
N LEU A 140 2.92 -32.01 -8.09
CA LEU A 140 1.64 -31.48 -8.58
C LEU A 140 1.54 -31.64 -10.10
N LEU A 141 2.62 -31.31 -10.82
CA LEU A 141 2.63 -31.48 -12.26
C LEU A 141 2.44 -32.95 -12.64
N LYS A 142 2.86 -33.86 -11.76
CA LYS A 142 2.68 -35.28 -12.01
C LYS A 142 1.31 -35.81 -11.59
N LYS A 143 0.58 -35.10 -10.74
CA LYS A 143 -0.65 -35.69 -10.20
C LYS A 143 -1.78 -35.71 -11.21
N ASN A 144 -1.74 -34.85 -12.24
CA ASN A 144 -2.81 -34.71 -13.21
C ASN A 144 -4.16 -34.45 -12.53
N ARG A 145 -4.13 -33.64 -11.46
CA ARG A 145 -5.35 -33.27 -10.73
C ARG A 145 -5.41 -31.74 -10.69
N THR A 146 -6.29 -31.15 -11.51
CA THR A 146 -6.41 -29.71 -11.64
C THR A 146 -7.66 -29.12 -10.99
N THR A 147 -8.62 -29.94 -10.57
CA THR A 147 -9.87 -29.43 -10.00
C THR A 147 -10.28 -30.27 -8.80
N ARG A 148 -10.97 -29.62 -7.86
CA ARG A 148 -11.47 -30.29 -6.64
C ARG A 148 -10.41 -31.16 -6.01
N PHE A 149 -9.19 -30.63 -5.92
CA PHE A 149 -8.03 -31.34 -5.40
C PHE A 149 -7.61 -30.75 -4.05
N PHE A 150 -7.35 -31.63 -3.07
CA PHE A 150 -6.96 -31.16 -1.74
C PHE A 150 -6.06 -32.20 -1.11
N THR A 151 -4.87 -31.77 -0.66
CA THR A 151 -3.94 -32.74 -0.13
C THR A 151 -3.13 -32.13 1.01
N GLY A 152 -2.32 -32.95 1.64
CA GLY A 152 -1.52 -32.50 2.77
C GLY A 152 -1.20 -33.70 3.64
N PHE A 153 -1.08 -33.47 4.96
CA PHE A 153 -1.00 -34.58 5.91
C PHE A 153 -2.44 -34.94 6.27
N LEU A 154 -2.92 -36.09 5.79
CA LEU A 154 -4.32 -36.45 6.00
C LEU A 154 -4.56 -36.90 7.44
N LYS A 155 -5.62 -36.39 8.04
CA LYS A 155 -6.04 -36.75 9.43
C LYS A 155 -7.48 -37.28 9.24
N LEU A 156 -7.64 -38.59 9.26
CA LEU A 156 -8.90 -39.19 8.86
C LEU A 156 -9.71 -39.77 10.01
N ASN A 157 -9.11 -40.04 11.14
CA ASN A 157 -9.96 -40.51 12.26
C ASN A 157 -9.57 -39.67 13.47
N GLU A 158 -10.01 -38.41 13.50
CA GLU A 158 -9.57 -37.50 14.57
C GLU A 158 -10.72 -37.27 15.55
N PHE A 159 -10.39 -37.26 16.83
CA PHE A 159 -11.40 -37.07 17.88
C PHE A 159 -11.17 -35.72 18.50
N PRO A 160 -12.24 -34.94 18.73
CA PRO A 160 -12.14 -33.62 19.40
C PRO A 160 -11.38 -33.77 20.73
N ILE A 161 -10.46 -32.85 20.98
CA ILE A 161 -9.71 -32.85 22.26
C ILE A 161 -10.58 -32.19 23.33
N ARG A 162 -10.93 -32.97 24.34
CA ARG A 162 -11.77 -32.51 25.42
C ARG A 162 -10.99 -32.25 26.71
N GLN A 163 -9.66 -32.12 26.63
CA GLN A 163 -8.84 -31.72 27.82
C GLN A 163 -8.95 -30.21 27.97
N PRO A 164 -9.54 -29.69 29.07
CA PRO A 164 -9.85 -28.23 29.25
C PRO A 164 -8.70 -27.25 29.04
N PHE A 165 -7.47 -27.63 29.32
CA PHE A 165 -6.37 -26.63 29.23
C PHE A 165 -5.47 -26.85 28.01
N SER A 166 -5.83 -27.75 27.10
CA SER A 166 -5.06 -27.97 25.85
C SER A 166 -5.30 -26.82 24.86
N LYS A 167 -4.31 -26.52 24.02
CA LYS A 167 -4.45 -25.44 23.01
C LYS A 167 -5.57 -25.78 22.01
N TRP A 168 -5.79 -27.07 21.76
CA TRP A 168 -6.79 -27.50 20.76
C TRP A 168 -8.05 -28.00 21.45
N PHE A 169 -8.29 -27.58 22.70
CA PHE A 169 -9.52 -27.97 23.42
C PHE A 169 -10.78 -27.34 22.80
N VAL A 170 -11.79 -28.17 22.53
CA VAL A 170 -13.09 -27.67 22.09
C VAL A 170 -14.14 -28.26 23.00
N SER A 171 -14.97 -27.38 23.59
CA SER A 171 -16.10 -27.82 24.39
C SER A 171 -17.14 -28.52 23.52
N LYS A 172 -18.05 -29.23 24.17
CA LYS A 172 -19.13 -29.85 23.43
C LYS A 172 -20.04 -28.82 22.77
N SER A 173 -20.20 -27.64 23.37
CA SER A 173 -20.99 -26.61 22.70
CA SER A 173 -20.99 -26.61 22.70
C SER A 173 -20.26 -26.06 21.47
N GLU A 174 -18.93 -26.02 21.52
CA GLU A 174 -18.15 -25.55 20.37
C GLU A 174 -18.15 -26.57 19.24
N TYR A 175 -18.01 -27.85 19.57
CA TYR A 175 -18.04 -28.99 18.61
C TYR A 175 -18.72 -30.13 19.33
N PRO A 176 -19.98 -30.46 19.00
CA PRO A 176 -20.76 -31.39 19.82
C PRO A 176 -20.69 -32.86 19.42
N TRP A 177 -19.91 -33.18 18.40
CA TRP A 177 -19.90 -34.57 17.89
C TRP A 177 -18.65 -35.33 18.30
N ASP A 178 -18.67 -36.65 18.19
CA ASP A 178 -17.57 -37.51 18.71
C ASP A 178 -16.34 -37.50 17.82
N ARG A 179 -16.52 -37.30 16.53
CA ARG A 179 -15.39 -37.35 15.58
C ARG A 179 -15.42 -36.09 14.72
N TYR A 180 -14.26 -35.71 14.24
CA TYR A 180 -14.14 -34.57 13.32
C TYR A 180 -14.31 -35.12 11.93
N PRO A 181 -14.58 -34.28 10.92
CA PRO A 181 -14.61 -34.76 9.53
C PRO A 181 -13.19 -35.05 9.08
N PRO A 182 -12.95 -35.69 7.91
CA PRO A 182 -11.57 -35.77 7.40
C PRO A 182 -11.04 -34.36 7.22
N PHE A 183 -9.77 -34.19 7.53
CA PHE A 183 -9.12 -32.88 7.31
C PHE A 183 -7.62 -33.07 7.15
N CYS A 184 -6.96 -32.01 6.72
CA CYS A 184 -5.49 -32.07 6.64
C CYS A 184 -4.87 -31.12 7.64
N SER A 185 -3.72 -31.45 8.20
CA SER A 185 -3.03 -30.52 9.15
C SER A 185 -2.92 -29.09 8.58
N GLY A 186 -3.08 -28.09 9.44
CA GLY A 186 -2.98 -26.69 9.04
C GLY A 186 -1.54 -26.25 8.88
N THR A 187 -0.59 -27.08 9.27
CA THR A 187 0.84 -26.80 9.02
C THR A 187 1.04 -26.45 7.56
N GLY A 188 0.63 -27.29 6.60
CA GLY A 188 0.64 -27.03 5.17
C GLY A 188 -0.40 -27.88 4.47
N TYR A 189 -1.30 -27.25 3.73
CA TYR A 189 -2.28 -28.01 2.93
C TYR A 189 -2.31 -27.37 1.55
N VAL A 190 -2.52 -28.19 0.53
CA VAL A 190 -2.51 -27.68 -0.87
C VAL A 190 -3.84 -28.02 -1.54
N PHE A 191 -4.34 -27.07 -2.31
CA PHE A 191 -5.61 -27.28 -3.01
C PHE A 191 -5.55 -26.65 -4.38
N SER A 192 -6.24 -27.26 -5.33
CA SER A 192 -6.43 -26.59 -6.61
C SER A 192 -7.22 -25.30 -6.41
N GLY A 193 -6.90 -24.30 -7.22
CA GLY A 193 -7.40 -22.96 -6.99
C GLY A 193 -8.92 -22.83 -6.99
N ASP A 194 -9.62 -23.63 -7.80
CA ASP A 194 -11.09 -23.60 -7.82
C ASP A 194 -11.68 -23.93 -6.45
N VAL A 195 -10.97 -24.75 -5.67
CA VAL A 195 -11.43 -25.11 -4.34
C VAL A 195 -11.66 -23.87 -3.48
N ALA A 196 -10.83 -22.81 -3.65
CA ALA A 196 -11.02 -21.61 -2.84
C ALA A 196 -12.39 -21.00 -3.05
N SER A 197 -12.94 -21.04 -4.26
CA SER A 197 -14.23 -20.35 -4.48
C SER A 197 -15.38 -21.18 -3.86
N GLN A 198 -15.32 -22.50 -4.00
CA GLN A 198 -16.38 -23.37 -3.48
C GLN A 198 -16.42 -23.30 -1.95
N VAL A 199 -15.26 -23.16 -1.31
CA VAL A 199 -15.21 -23.11 0.18
C VAL A 199 -15.80 -21.77 0.64
N TYR A 200 -15.36 -20.66 0.04
CA TYR A 200 -15.84 -19.32 0.46
C TYR A 200 -17.35 -19.31 0.36
N ASN A 201 -17.89 -19.94 -0.69
CA ASN A 201 -19.35 -20.00 -0.92
C ASN A 201 -20.08 -20.71 0.22
N VAL A 202 -19.72 -21.96 0.52
CA VAL A 202 -20.45 -22.73 1.54
C VAL A 202 -20.00 -22.35 2.96
N SER A 203 -18.94 -21.56 3.08
CA SER A 203 -18.38 -21.19 4.41
C SER A 203 -19.47 -20.73 5.39
N LYS A 204 -20.32 -19.82 4.95
CA LYS A 204 -21.34 -19.25 5.84
C LYS A 204 -22.39 -20.29 6.25
N SER A 205 -22.49 -21.42 5.56
CA SER A 205 -23.55 -22.34 5.98
C SER A 205 -23.03 -23.54 6.74
N VAL A 206 -21.72 -23.64 6.91
CA VAL A 206 -21.08 -24.75 7.60
C VAL A 206 -20.88 -24.35 9.06
N PRO A 207 -21.14 -25.24 10.03
CA PRO A 207 -20.92 -24.88 11.44
C PRO A 207 -19.51 -24.34 11.69
N TYR A 208 -19.43 -23.21 12.38
CA TYR A 208 -18.15 -22.62 12.72
C TYR A 208 -17.38 -23.46 13.73
N ILE A 209 -16.07 -23.53 13.56
CA ILE A 209 -15.17 -24.04 14.60
C ILE A 209 -13.88 -23.24 14.55
N LYS A 210 -13.33 -22.95 15.73
CA LYS A 210 -12.19 -22.08 15.85
C LYS A 210 -10.90 -22.73 15.39
N LEU A 211 -10.89 -24.04 15.14
CA LEU A 211 -9.70 -24.72 14.56
C LEU A 211 -9.84 -24.60 13.05
N GLU A 212 -8.92 -23.94 12.37
CA GLU A 212 -9.14 -23.60 10.96
C GLU A 212 -9.04 -24.82 10.05
N ASP A 213 -8.18 -25.77 10.38
CA ASP A 213 -8.00 -27.00 9.54
C ASP A 213 -9.24 -27.89 9.63
N VAL A 214 -9.86 -27.98 10.81
CA VAL A 214 -11.13 -28.75 10.94
C VAL A 214 -12.22 -27.97 10.18
N PHE A 215 -12.20 -26.64 10.26
CA PHE A 215 -13.29 -25.91 9.61
C PHE A 215 -13.23 -26.13 8.09
N VAL A 216 -12.03 -26.04 7.52
CA VAL A 216 -11.89 -26.31 6.08
C VAL A 216 -12.34 -27.72 5.77
N GLY A 217 -12.00 -28.69 6.62
CA GLY A 217 -12.49 -30.05 6.42
C GLY A 217 -14.01 -30.14 6.41
N LEU A 218 -14.66 -29.43 7.33
CA LEU A 218 -16.13 -29.39 7.27
C LEU A 218 -16.62 -28.84 5.93
N CYS A 219 -15.97 -27.80 5.42
CA CYS A 219 -16.41 -27.24 4.15
C CYS A 219 -16.19 -28.24 3.00
N LEU A 220 -15.01 -28.87 2.95
CA LEU A 220 -14.75 -29.87 1.91
C LEU A 220 -15.74 -31.00 1.96
N GLU A 221 -16.09 -31.44 3.17
CA GLU A 221 -17.09 -32.49 3.30
C GLU A 221 -18.44 -32.03 2.76
N ARG A 222 -18.83 -30.79 3.04
CA ARG A 222 -20.11 -30.30 2.51
C ARG A 222 -20.07 -30.27 0.98
N LEU A 223 -18.90 -30.04 0.42
CA LEU A 223 -18.66 -29.93 -1.01
C LEU A 223 -18.44 -31.28 -1.69
N ASN A 224 -18.37 -32.36 -0.90
CA ASN A 224 -18.08 -33.71 -1.39
C ASN A 224 -16.72 -33.80 -2.09
N ILE A 225 -15.78 -32.95 -1.66
CA ILE A 225 -14.39 -33.00 -2.11
C ILE A 225 -13.63 -33.96 -1.20
N ARG A 226 -13.00 -34.97 -1.80
CA ARG A 226 -12.32 -36.00 -1.04
C ARG A 226 -10.84 -35.68 -0.92
N LEU A 227 -10.30 -35.89 0.28
CA LEU A 227 -8.86 -35.71 0.47
C LEU A 227 -8.10 -36.79 -0.27
N GLU A 228 -6.95 -36.42 -0.81
CA GLU A 228 -6.09 -37.45 -1.44
C GLU A 228 -4.61 -37.24 -1.06
N GLU A 229 -3.86 -38.34 -0.92
CA GLU A 229 -2.43 -38.28 -0.69
C GLU A 229 -1.71 -37.73 -1.92
N LEU A 230 -0.70 -36.89 -1.69
CA LEU A 230 -0.03 -36.24 -2.82
C LEU A 230 0.79 -37.26 -3.59
N HIS A 231 1.39 -38.21 -2.88
CA HIS A 231 2.39 -39.10 -3.44
C HIS A 231 2.30 -40.45 -2.75
N SER A 232 2.93 -41.46 -3.35
CA SER A 232 2.96 -42.79 -2.76
C SER A 232 3.75 -42.82 -1.47
N GLN A 233 4.63 -41.85 -1.26
CA GLN A 233 5.42 -41.71 -0.05
C GLN A 233 4.97 -40.46 0.72
N PRO A 234 5.10 -40.47 2.06
CA PRO A 234 4.76 -39.26 2.83
C PRO A 234 5.64 -38.09 2.41
N THR A 235 5.02 -36.92 2.35
CA THR A 235 5.72 -35.69 1.97
C THR A 235 5.42 -34.49 2.86
N PHE A 236 4.43 -34.59 3.76
CA PHE A 236 4.10 -33.55 4.72
C PHE A 236 4.37 -34.09 6.13
N PHE A 237 5.07 -33.32 6.96
CA PHE A 237 5.55 -33.81 8.25
C PHE A 237 5.23 -32.81 9.37
N PRO A 238 3.97 -32.83 9.85
CA PRO A 238 3.53 -31.92 10.96
C PRO A 238 4.32 -32.20 12.23
N GLY A 239 4.88 -33.39 12.33
CA GLY A 239 5.64 -33.80 13.51
C GLY A 239 7.10 -33.39 13.47
N GLY A 240 7.56 -32.89 12.33
CA GLY A 240 8.97 -32.54 12.19
C GLY A 240 9.79 -33.75 11.75
N LEU A 241 11.05 -33.47 11.42
CA LEU A 241 11.94 -34.47 10.86
C LEU A 241 13.38 -34.21 11.30
N ARG A 242 14.15 -35.29 11.33
CA ARG A 242 15.61 -35.15 11.51
C ARG A 242 16.12 -34.67 10.15
N PHE A 243 16.89 -33.60 10.14
CA PHE A 243 17.35 -32.99 8.90
C PHE A 243 18.45 -33.81 8.20
N SER A 244 18.31 -33.97 6.89
CA SER A 244 19.43 -34.26 6.02
C SER A 244 19.10 -33.70 4.65
N VAL A 245 20.15 -33.31 3.91
CA VAL A 245 19.97 -32.76 2.56
C VAL A 245 19.15 -33.73 1.72
N CYS A 246 19.52 -35.00 1.73
CA CYS A 246 18.92 -35.92 0.78
C CYS A 246 17.46 -36.20 1.13
N LEU A 247 17.13 -36.27 2.42
CA LEU A 247 15.72 -36.36 2.82
C LEU A 247 14.96 -35.10 2.41
N PHE A 248 15.52 -33.93 2.70
CA PHE A 248 14.72 -32.72 2.49
C PHE A 248 14.54 -32.42 1.01
N ARG A 249 15.38 -32.99 0.13
CA ARG A 249 15.08 -32.89 -1.30
C ARG A 249 13.88 -33.70 -1.74
N ARG A 250 13.36 -34.61 -0.91
CA ARG A 250 12.27 -35.47 -1.35
C ARG A 250 11.09 -35.37 -0.39
N ILE A 251 10.89 -34.20 0.21
CA ILE A 251 9.69 -33.93 1.01
C ILE A 251 9.11 -32.63 0.52
N VAL A 252 7.86 -32.36 0.89
CA VAL A 252 7.21 -31.10 0.59
C VAL A 252 7.24 -30.15 1.78
N ALA A 253 6.93 -30.64 2.99
CA ALA A 253 6.75 -29.71 4.09
C ALA A 253 7.20 -30.34 5.39
N CYS A 254 7.93 -29.55 6.20
CA CYS A 254 8.35 -30.00 7.51
C CYS A 254 8.11 -28.88 8.52
N HIS A 255 7.54 -29.27 9.65
CA HIS A 255 7.20 -28.33 10.74
C HIS A 255 8.29 -28.30 11.82
N PHE A 256 8.08 -27.49 12.87
CA PHE A 256 9.02 -27.37 14.02
C PHE A 256 10.32 -26.73 13.55
N ILE A 257 10.21 -25.71 12.71
CA ILE A 257 11.43 -25.10 12.11
C ILE A 257 11.48 -23.60 12.41
N LYS A 258 12.41 -23.22 13.27
CA LYS A 258 12.58 -21.79 13.64
C LYS A 258 13.31 -21.02 12.55
N PRO A 259 13.23 -19.67 12.56
CA PRO A 259 13.83 -18.81 11.49
C PRO A 259 15.29 -19.15 11.18
N ARG A 260 16.16 -19.20 12.20
CA ARG A 260 17.60 -19.44 11.97
C ARG A 260 17.81 -20.84 11.37
N THR A 261 17.11 -21.84 11.88
CA THR A 261 17.17 -23.20 11.35
C THR A 261 16.76 -23.23 9.88
N LEU A 262 15.77 -22.43 9.49
CA LEU A 262 15.28 -22.40 8.08
C LEU A 262 16.38 -21.82 7.19
N LEU A 263 17.08 -20.80 7.68
CA LEU A 263 18.19 -20.19 6.92
C LEU A 263 19.36 -21.18 6.84
N ASP A 264 19.61 -21.91 7.91
CA ASP A 264 20.69 -22.93 7.94
C ASP A 264 20.33 -24.10 7.01
N TYR A 265 19.05 -24.50 6.99
CA TYR A 265 18.67 -25.58 6.08
C TYR A 265 18.70 -25.12 4.63
N TRP A 266 18.24 -23.90 4.39
CA TRP A 266 18.26 -23.37 3.03
C TRP A 266 19.70 -23.26 2.53
N GLN A 267 20.60 -22.75 3.39
CA GLN A 267 22.02 -22.69 3.03
C GLN A 267 22.57 -24.08 2.75
N ALA A 268 22.18 -25.07 3.57
CA ALA A 268 22.64 -26.44 3.34
C ALA A 268 22.25 -26.93 1.96
N LEU A 269 20.99 -26.70 1.58
CA LEU A 269 20.53 -27.15 0.28
C LEU A 269 21.25 -26.41 -0.85
N GLU A 270 21.48 -25.11 -0.67
CA GLU A 270 22.29 -24.39 -1.66
C GLU A 270 23.71 -24.95 -1.73
N ASN A 271 24.33 -25.20 -0.56
CA ASN A 271 25.72 -25.67 -0.55
C ASN A 271 25.89 -27.01 -1.25
N SER A 272 24.87 -27.86 -1.22
CA SER A 272 24.98 -29.22 -1.72
C SER A 272 24.30 -29.40 -3.08
N ARG A 273 23.80 -28.32 -3.66
CA ARG A 273 23.24 -28.39 -5.00
C ARG A 273 24.30 -28.95 -5.94
N GLY A 274 23.90 -29.89 -6.79
CA GLY A 274 24.87 -30.50 -7.67
C GLY A 274 25.51 -31.77 -7.14
N GLU A 275 25.32 -32.01 -5.85
CA GLU A 275 25.80 -33.28 -5.29
C GLU A 275 24.65 -34.27 -5.51
N ASP A 276 24.99 -35.54 -5.65
CA ASP A 276 23.95 -36.54 -5.94
C ASP A 276 23.51 -37.17 -4.63
N CYS A 277 22.34 -37.78 -4.64
CA CYS A 277 21.84 -38.44 -3.42
C CYS A 277 21.54 -39.89 -3.78
N PRO A 278 21.88 -40.86 -2.91
CA PRO A 278 21.51 -42.27 -3.17
C PRO A 278 20.16 -42.30 -3.87
N ASN B 13 -17.21 27.35 7.90
CA ASN B 13 -16.02 27.78 7.19
C ASN B 13 -14.74 27.17 7.77
N PHE B 14 -13.79 28.03 8.10
CA PHE B 14 -12.43 27.62 8.43
C PHE B 14 -12.23 27.56 9.93
N LEU B 15 -11.49 26.54 10.36
CA LEU B 15 -11.17 26.30 11.77
C LEU B 15 -9.90 27.03 12.20
N LYS B 16 -8.92 27.13 11.29
CA LYS B 16 -7.73 27.92 11.51
C LYS B 16 -7.47 28.75 10.25
N LEU B 17 -7.22 30.04 10.42
CA LEU B 17 -6.91 30.91 9.31
C LEU B 17 -5.59 31.62 9.56
N PRO B 18 -4.67 31.62 8.60
CA PRO B 18 -3.45 32.42 8.75
C PRO B 18 -3.81 33.89 8.83
N ASP B 19 -3.04 34.61 9.64
CA ASP B 19 -3.28 36.02 9.90
C ASP B 19 -2.65 36.84 8.77
N THR B 20 -3.43 37.05 7.71
CA THR B 20 -2.90 37.72 6.52
C THR B 20 -3.93 38.69 5.97
N ASP B 21 -3.42 39.68 5.24
CA ASP B 21 -4.25 40.69 4.56
C ASP B 21 -3.67 40.87 3.16
N CYS B 22 -4.17 40.07 2.21
CA CYS B 22 -3.67 40.12 0.84
C CYS B 22 -4.11 41.38 0.12
N ARG B 23 -5.15 42.06 0.59
CA ARG B 23 -5.60 43.28 -0.07
C ARG B 23 -4.59 44.41 0.10
N GLN B 24 -4.07 44.59 1.32
CA GLN B 24 -3.02 45.58 1.55
C GLN B 24 -1.71 45.16 0.89
N THR B 25 -1.29 43.91 1.11
CA THR B 25 -0.06 43.36 0.54
C THR B 25 -0.41 42.18 -0.36
N PRO B 26 -0.78 42.42 -1.61
CA PRO B 26 -1.02 41.33 -2.54
C PRO B 26 0.25 40.52 -2.76
N PRO B 27 0.21 39.22 -2.47
CA PRO B 27 1.39 38.38 -2.72
C PRO B 27 1.56 38.12 -4.21
N PHE B 28 2.82 37.93 -4.62
CA PHE B 28 3.08 37.50 -5.98
C PHE B 28 2.93 35.99 -6.12
N LEU B 29 3.41 35.24 -5.13
CA LEU B 29 3.31 33.79 -5.17
C LEU B 29 2.83 33.27 -3.83
N VAL B 30 1.74 32.49 -3.85
CA VAL B 30 1.23 31.82 -2.67
C VAL B 30 1.50 30.33 -2.81
N LEU B 31 2.12 29.74 -1.78
CA LEU B 31 2.42 28.32 -1.74
C LEU B 31 1.44 27.66 -0.78
N LEU B 32 0.69 26.68 -1.27
CA LEU B 32 -0.22 25.89 -0.44
C LEU B 32 0.33 24.47 -0.39
N VAL B 33 0.78 24.05 0.79
CA VAL B 33 1.53 22.81 0.96
C VAL B 33 0.66 21.81 1.71
N THR B 34 0.48 20.63 1.13
CA THR B 34 -0.28 19.58 1.77
C THR B 34 0.65 18.73 2.66
N SER B 35 0.18 18.43 3.88
CA SER B 35 0.93 17.55 4.78
C SER B 35 0.00 17.02 5.87
N SER B 36 0.38 15.87 6.42
CA SER B 36 -0.35 15.24 7.51
C SER B 36 0.02 15.88 8.85
N HIS B 37 -0.76 15.55 9.88
CA HIS B 37 -0.48 16.08 11.20
C HIS B 37 0.88 15.63 11.71
N LYS B 38 1.20 14.34 11.54
CA LYS B 38 2.45 13.81 12.06
C LYS B 38 3.69 14.32 11.31
N GLN B 39 3.51 14.94 10.15
CA GLN B 39 4.64 15.34 9.32
C GLN B 39 5.23 16.68 9.77
N LEU B 40 5.41 16.85 11.08
CA LEU B 40 6.02 18.08 11.59
C LEU B 40 7.42 18.29 11.02
N ALA B 41 8.17 17.21 10.81
CA ALA B 41 9.52 17.34 10.26
C ALA B 41 9.48 17.95 8.86
N GLU B 42 8.54 17.49 8.03
CA GLU B 42 8.38 18.06 6.69
C GLU B 42 8.13 19.56 6.75
N ARG B 43 7.14 19.98 7.55
CA ARG B 43 6.78 21.38 7.57
C ARG B 43 7.90 22.24 8.14
N MET B 44 8.61 21.74 9.16
CA MET B 44 9.74 22.48 9.69
C MET B 44 10.84 22.63 8.65
N ALA B 45 11.12 21.56 7.90
CA ALA B 45 12.14 21.64 6.86
C ALA B 45 11.73 22.65 5.80
N ILE B 46 10.45 22.69 5.45
CA ILE B 46 9.99 23.61 4.38
C ILE B 46 10.12 25.06 4.88
N ARG B 47 9.75 25.29 6.15
CA ARG B 47 9.81 26.65 6.73
C ARG B 47 11.24 27.18 6.76
N GLN B 48 12.22 26.29 6.90
CA GLN B 48 13.65 26.70 6.99
C GLN B 48 14.28 26.65 5.59
N THR B 49 13.60 26.06 4.62
CA THR B 49 14.08 26.07 3.23
C THR B 49 13.21 26.91 2.29
N TRP B 50 12.60 26.28 1.29
CA TRP B 50 11.84 27.03 0.25
C TRP B 50 10.58 27.72 0.77
N GLY B 51 10.19 27.49 2.01
CA GLY B 51 8.93 28.06 2.50
C GLY B 51 9.15 29.34 3.25
N LYS B 52 10.40 29.62 3.62
CA LYS B 52 10.71 30.90 4.31
C LYS B 52 10.16 32.06 3.47
N GLU B 53 9.18 32.79 4.02
CA GLU B 53 8.60 33.91 3.29
C GLU B 53 9.60 35.04 3.12
N ARG B 54 9.47 35.78 2.02
CA ARG B 54 10.49 36.75 1.69
C ARG B 54 10.12 37.48 0.40
N MET B 55 10.95 38.47 0.06
CA MET B 55 10.87 39.16 -1.21
C MET B 55 11.79 38.47 -2.20
N VAL B 56 11.26 38.20 -3.39
CA VAL B 56 11.96 37.53 -4.47
C VAL B 56 11.88 38.45 -5.68
N LYS B 57 12.98 39.12 -6.00
CA LYS B 57 13.01 40.11 -7.08
C LYS B 57 11.93 41.16 -6.87
N GLY B 58 11.71 41.55 -5.62
CA GLY B 58 10.69 42.52 -5.29
C GLY B 58 9.27 42.00 -5.25
N LYS B 59 9.07 40.68 -5.35
CA LYS B 59 7.75 40.07 -5.32
C LYS B 59 7.56 39.29 -4.03
N GLN B 60 6.35 39.32 -3.47
CA GLN B 60 6.09 38.73 -2.16
C GLN B 60 5.79 37.23 -2.26
N LEU B 61 6.46 36.44 -1.42
CA LEU B 61 6.22 35.01 -1.30
C LEU B 61 5.52 34.71 0.02
N LYS B 62 4.44 33.93 -0.04
CA LYS B 62 3.69 33.52 1.14
C LYS B 62 3.57 32.01 1.14
N THR B 63 3.65 31.40 2.32
CA THR B 63 3.63 29.94 2.42
C THR B 63 2.70 29.49 3.53
N PHE B 64 1.75 28.62 3.18
CA PHE B 64 0.78 28.10 4.13
C PHE B 64 0.70 26.58 4.00
N PHE B 65 0.29 25.94 5.08
CA PHE B 65 0.15 24.48 5.14
C PHE B 65 -1.31 24.12 5.32
N LEU B 66 -1.83 23.32 4.41
CA LEU B 66 -3.21 22.87 4.44
C LEU B 66 -3.33 21.65 5.33
N LEU B 67 -4.23 21.72 6.32
CA LEU B 67 -4.48 20.63 7.24
C LEU B 67 -5.98 20.43 7.39
N GLY B 68 -6.35 19.18 7.62
CA GLY B 68 -7.68 18.83 8.07
C GLY B 68 -7.73 18.60 9.56
N THR B 69 -8.58 17.67 9.98
CA THR B 69 -8.71 17.31 11.38
C THR B 69 -8.30 15.86 11.57
N THR B 70 -8.06 15.49 12.83
CA THR B 70 -7.59 14.15 13.16
C THR B 70 -8.29 13.67 14.42
N SER B 71 -8.43 12.34 14.53
CA SER B 71 -8.99 11.74 15.74
C SER B 71 -7.98 11.76 16.88
N SER B 72 -6.69 11.69 16.57
CA SER B 72 -5.67 11.62 17.61
C SER B 72 -5.66 12.88 18.45
N ALA B 73 -5.90 12.73 19.75
CA ALA B 73 -5.81 13.86 20.67
C ALA B 73 -4.41 14.46 20.67
N ALA B 74 -3.38 13.60 20.63
CA ALA B 74 -2.00 14.07 20.63
C ALA B 74 -1.69 14.89 19.38
N GLU B 75 -2.11 14.40 18.21
CA GLU B 75 -1.87 15.13 16.98
C GLU B 75 -2.67 16.43 16.95
N THR B 76 -3.92 16.41 17.43
CA THR B 76 -4.69 17.64 17.50
C THR B 76 -3.97 18.67 18.37
N LYS B 77 -3.49 18.24 19.54
CA LYS B 77 -2.75 19.13 20.43
C LYS B 77 -1.51 19.69 19.71
N GLU B 78 -0.74 18.80 19.08
CA GLU B 78 0.48 19.22 18.40
C GLU B 78 0.19 20.28 17.35
N VAL B 79 -0.85 20.05 16.53
CA VAL B 79 -1.17 20.99 15.47
C VAL B 79 -1.71 22.30 16.01
N ASP B 80 -2.45 22.26 17.12
CA ASP B 80 -2.92 23.51 17.73
C ASP B 80 -1.74 24.36 18.17
N GLN B 81 -0.80 23.77 18.90
CA GLN B 81 0.35 24.53 19.37
C GLN B 81 1.23 24.97 18.20
N GLU B 82 1.36 24.13 17.18
CA GLU B 82 2.13 24.51 15.99
C GLU B 82 1.49 25.69 15.28
N SER B 83 0.15 25.69 15.15
CA SER B 83 -0.53 26.82 14.54
C SER B 83 -0.32 28.08 15.36
N GLN B 84 -0.36 27.97 16.68
CA GLN B 84 -0.15 29.16 17.51
C GLN B 84 1.27 29.69 17.37
N ARG B 85 2.25 28.79 17.26
CA ARG B 85 3.64 29.24 17.16
C ARG B 85 3.97 29.83 15.79
N HIS B 86 3.36 29.29 14.73
CA HIS B 86 3.74 29.69 13.37
C HIS B 86 2.67 30.46 12.62
N GLY B 87 1.39 30.29 12.96
CA GLY B 87 0.33 31.07 12.32
C GLY B 87 0.24 30.90 10.82
N ASP B 88 0.65 29.74 10.29
CA ASP B 88 0.70 29.52 8.85
C ASP B 88 -0.15 28.32 8.40
N ILE B 89 -1.12 27.91 9.19
CA ILE B 89 -1.91 26.70 8.91
C ILE B 89 -3.31 27.11 8.47
N ILE B 90 -3.78 26.51 7.38
CA ILE B 90 -5.16 26.65 6.90
C ILE B 90 -5.87 25.33 7.15
N GLN B 91 -6.91 25.37 7.99
CA GLN B 91 -7.58 24.15 8.41
C GLN B 91 -9.09 24.30 8.26
N LYS B 92 -9.74 23.16 7.96
CA LYS B 92 -11.19 23.03 8.02
C LYS B 92 -11.51 21.66 8.62
N ASP B 93 -12.78 21.45 8.95
CA ASP B 93 -13.19 20.25 9.68
C ASP B 93 -13.50 19.13 8.69
N PHE B 94 -12.44 18.43 8.30
CA PHE B 94 -12.59 17.22 7.49
C PHE B 94 -11.52 16.22 7.86
N LEU B 95 -11.87 14.94 7.84
CA LEU B 95 -10.94 13.88 8.20
C LEU B 95 -9.74 13.92 7.26
N ASP B 96 -8.58 14.29 7.79
CA ASP B 96 -7.38 14.48 6.98
C ASP B 96 -6.77 13.11 6.66
N VAL B 97 -7.23 12.52 5.57
CA VAL B 97 -6.72 11.24 5.10
C VAL B 97 -6.56 11.33 3.59
N TYR B 98 -5.77 10.40 3.04
CA TYR B 98 -5.41 10.49 1.64
C TYR B 98 -6.65 10.70 0.77
N TYR B 99 -7.70 9.93 1.02
CA TYR B 99 -8.85 9.94 0.12
C TYR B 99 -9.75 11.14 0.30
N ASN B 100 -9.34 12.09 1.14
CA ASN B 100 -9.99 13.39 1.22
C ASN B 100 -9.13 14.51 0.65
N LEU B 101 -8.08 14.17 -0.09
CA LEU B 101 -7.21 15.22 -0.63
C LEU B 101 -7.96 16.16 -1.55
N THR B 102 -8.95 15.68 -2.31
CA THR B 102 -9.74 16.60 -3.12
C THR B 102 -10.28 17.71 -2.24
N LEU B 103 -10.87 17.34 -1.09
CA LEU B 103 -11.33 18.32 -0.13
C LEU B 103 -10.20 19.27 0.25
N LYS B 104 -9.05 18.73 0.65
CA LYS B 104 -7.93 19.59 1.03
C LYS B 104 -7.63 20.56 -0.11
N THR B 105 -7.52 20.04 -1.34
CA THR B 105 -7.20 20.94 -2.45
C THR B 105 -8.27 22.01 -2.58
N MET B 106 -9.54 21.60 -2.57
CA MET B 106 -10.60 22.59 -2.70
C MET B 106 -10.57 23.56 -1.53
N MET B 107 -10.26 23.07 -0.31
CA MET B 107 -10.08 23.99 0.79
C MET B 107 -9.13 25.10 0.39
N GLY B 108 -7.92 24.71 -0.03
CA GLY B 108 -6.94 25.72 -0.41
C GLY B 108 -7.48 26.66 -1.46
N ILE B 109 -8.13 26.09 -2.48
CA ILE B 109 -8.63 26.93 -3.56
C ILE B 109 -9.67 27.89 -3.01
N GLU B 110 -10.61 27.35 -2.21
CA GLU B 110 -11.58 28.22 -1.57
C GLU B 110 -10.88 29.37 -0.86
N TRP B 111 -9.81 29.07 -0.12
CA TRP B 111 -9.11 30.12 0.61
C TRP B 111 -8.62 31.20 -0.34
N VAL B 112 -7.92 30.80 -1.42
CA VAL B 112 -7.44 31.80 -2.37
C VAL B 112 -8.62 32.60 -2.89
N HIS B 113 -9.75 31.95 -3.12
CA HIS B 113 -10.91 32.65 -3.67
C HIS B 113 -11.50 33.63 -2.67
N ARG B 114 -11.47 33.28 -1.38
CA ARG B 114 -12.10 34.12 -0.38
C ARG B 114 -11.17 35.19 0.17
N PHE B 115 -9.94 34.82 0.49
CA PHE B 115 -9.07 35.69 1.27
C PHE B 115 -7.80 36.13 0.53
N CYS B 116 -7.55 35.67 -0.68
CA CYS B 116 -6.36 36.14 -1.35
C CYS B 116 -6.51 36.12 -2.86
N PRO B 117 -7.61 36.64 -3.41
CA PRO B 117 -7.75 36.68 -4.88
C PRO B 117 -6.81 37.64 -5.55
N GLN B 118 -6.08 38.45 -4.80
CA GLN B 118 -5.09 39.35 -5.37
C GLN B 118 -3.80 38.63 -5.72
N ALA B 119 -3.63 37.38 -5.32
CA ALA B 119 -2.39 36.65 -5.57
C ALA B 119 -2.17 36.52 -7.07
N ALA B 120 -1.00 36.95 -7.55
CA ALA B 120 -0.72 36.83 -8.97
C ALA B 120 -0.66 35.37 -9.38
N PHE B 121 -0.07 34.52 -8.53
CA PHE B 121 0.10 33.12 -8.85
C PHE B 121 0.01 32.29 -7.57
N VAL B 122 -0.50 31.07 -7.72
CA VAL B 122 -0.67 30.14 -6.63
C VAL B 122 -0.07 28.81 -7.05
N MET B 123 0.74 28.21 -6.19
CA MET B 123 1.23 26.86 -6.40
C MET B 123 0.74 25.97 -5.28
N LYS B 124 0.09 24.86 -5.65
CA LYS B 124 -0.29 23.81 -4.71
C LYS B 124 0.71 22.68 -4.85
N THR B 125 1.32 22.29 -3.72
CA THR B 125 2.45 21.35 -3.73
C THR B 125 2.37 20.36 -2.57
N ASP B 126 3.06 19.26 -2.77
CA ASP B 126 3.16 18.24 -1.70
C ASP B 126 4.27 18.65 -0.75
N SER B 127 4.42 17.94 0.35
CA SER B 127 5.38 18.28 1.38
C SER B 127 6.75 17.65 1.17
N ASP B 128 6.83 16.53 0.46
CA ASP B 128 8.13 15.89 0.19
C ASP B 128 8.69 16.41 -1.13
N MET B 129 8.92 17.73 -1.14
CA MET B 129 9.26 18.45 -2.36
C MET B 129 10.40 19.42 -2.10
N PHE B 130 11.20 19.65 -3.15
CA PHE B 130 12.05 20.82 -3.24
C PHE B 130 11.41 21.77 -4.23
N ILE B 131 11.24 23.03 -3.84
CA ILE B 131 10.74 24.06 -4.74
C ILE B 131 11.78 25.16 -4.85
N ASN B 132 12.11 25.52 -6.08
CA ASN B 132 12.98 26.67 -6.37
C ASN B 132 12.08 27.85 -6.70
N VAL B 133 11.78 28.66 -5.67
CA VAL B 133 10.89 29.80 -5.83
C VAL B 133 11.56 30.90 -6.67
N ASP B 134 12.88 31.01 -6.61
CA ASP B 134 13.57 32.01 -7.41
C ASP B 134 13.41 31.72 -8.90
N TYR B 135 13.69 30.47 -9.31
CA TYR B 135 13.53 30.15 -10.72
C TYR B 135 12.05 30.16 -11.12
N LEU B 136 11.16 29.70 -10.23
CA LEU B 136 9.74 29.72 -10.57
C LEU B 136 9.27 31.14 -10.82
N THR B 137 9.67 32.07 -9.96
CA THR B 137 9.36 33.49 -10.15
C THR B 137 9.89 33.99 -11.49
N GLU B 138 11.17 33.72 -11.77
CA GLU B 138 11.75 34.14 -13.03
C GLU B 138 10.94 33.61 -14.21
N LEU B 139 10.52 32.35 -14.15
CA LEU B 139 9.81 31.76 -15.26
C LEU B 139 8.39 32.29 -15.38
N LEU B 140 7.73 32.58 -14.25
CA LEU B 140 6.38 33.13 -14.31
C LEU B 140 6.40 34.53 -14.90
N LEU B 141 7.39 35.33 -14.52
CA LEU B 141 7.55 36.65 -15.12
C LEU B 141 7.81 36.54 -16.62
N LYS B 142 8.72 35.69 -17.05
CA LYS B 142 8.99 35.56 -18.49
C LYS B 142 7.76 35.02 -19.22
N LYS B 143 7.10 33.99 -18.69
CA LYS B 143 5.95 33.41 -19.39
C LYS B 143 4.88 34.46 -19.60
N ASN B 144 4.73 35.40 -18.68
CA ASN B 144 3.79 36.55 -18.89
C ASN B 144 2.37 36.07 -19.18
N ARG B 145 1.92 35.01 -18.50
CA ARG B 145 0.55 34.55 -18.64
C ARG B 145 -0.10 34.78 -17.28
N THR B 146 -0.90 35.85 -17.19
CA THR B 146 -1.41 36.32 -15.91
C THR B 146 -2.88 36.02 -15.66
N THR B 147 -3.59 35.46 -16.64
CA THR B 147 -4.97 35.02 -16.41
C THR B 147 -5.22 33.69 -17.10
N ARG B 148 -6.14 32.92 -16.54
CA ARG B 148 -6.55 31.62 -17.09
C ARG B 148 -5.33 30.78 -17.45
N PHE B 149 -4.37 30.75 -16.51
CA PHE B 149 -3.10 30.07 -16.71
C PHE B 149 -2.97 28.92 -15.72
N PHE B 150 -2.59 27.75 -16.23
CA PHE B 150 -2.42 26.57 -15.40
C PHE B 150 -1.27 25.74 -15.95
N THR B 151 -0.30 25.40 -15.10
CA THR B 151 0.87 24.68 -15.56
C THR B 151 1.37 23.74 -14.48
N GLY B 152 2.30 22.89 -14.87
CA GLY B 152 2.97 21.97 -13.96
C GLY B 152 3.58 20.84 -14.76
N PHE B 153 3.51 19.62 -14.22
CA PHE B 153 3.84 18.44 -15.00
C PHE B 153 2.56 17.96 -15.69
N LEU B 154 2.46 18.17 -16.99
CA LEU B 154 1.25 17.87 -17.73
C LEU B 154 1.11 16.36 -17.95
N LYS B 155 -0.08 15.85 -17.63
CA LYS B 155 -0.46 14.45 -17.83
C LYS B 155 -1.65 14.43 -18.77
N LEU B 156 -1.40 14.18 -20.06
CA LEU B 156 -2.40 14.42 -21.09
C LEU B 156 -3.07 13.16 -21.61
N ASN B 157 -2.52 11.97 -21.36
CA ASN B 157 -3.13 10.74 -21.85
C ASN B 157 -3.24 9.75 -20.69
N GLU B 158 -4.01 10.12 -19.68
CA GLU B 158 -4.12 9.33 -18.46
C GLU B 158 -5.39 8.49 -18.47
N PHE B 159 -5.30 7.28 -17.93
CA PHE B 159 -6.43 6.38 -17.82
C PHE B 159 -6.67 6.02 -16.36
N PRO B 160 -7.92 5.93 -15.93
CA PRO B 160 -8.19 5.57 -14.53
C PRO B 160 -7.59 4.22 -14.18
N ILE B 161 -7.04 4.13 -12.98
CA ILE B 161 -6.38 2.91 -12.50
C ILE B 161 -7.45 2.04 -11.86
N ARG B 162 -7.62 0.82 -12.39
CA ARG B 162 -8.66 -0.09 -11.95
C ARG B 162 -8.14 -1.23 -11.09
N GLN B 163 -6.85 -1.23 -10.71
CA GLN B 163 -6.29 -2.28 -9.86
C GLN B 163 -6.64 -2.00 -8.40
N PRO B 164 -7.46 -2.84 -7.76
CA PRO B 164 -7.94 -2.48 -6.41
C PRO B 164 -6.87 -2.37 -5.35
N PHE B 165 -5.66 -2.86 -5.59
CA PHE B 165 -4.57 -2.66 -4.63
C PHE B 165 -3.90 -1.30 -4.75
N SER B 166 -4.16 -0.54 -5.81
CA SER B 166 -3.51 0.75 -6.03
C SER B 166 -4.08 1.82 -5.11
N LYS B 167 -3.20 2.67 -4.57
CA LYS B 167 -3.71 3.81 -3.81
C LYS B 167 -4.53 4.75 -4.69
N TRP B 168 -4.36 4.61 -6.00
CA TRP B 168 -5.07 5.47 -6.96
C TRP B 168 -6.16 4.67 -7.68
N PHE B 169 -6.64 3.59 -7.09
CA PHE B 169 -7.75 2.83 -7.64
C PHE B 169 -9.03 3.64 -7.59
N VAL B 170 -9.79 3.65 -8.68
CA VAL B 170 -11.15 4.20 -8.70
C VAL B 170 -12.10 3.20 -9.34
N SER B 171 -13.21 2.91 -8.67
CA SER B 171 -14.21 2.03 -9.24
C SER B 171 -14.89 2.70 -10.44
N LYS B 172 -15.63 1.90 -11.21
CA LYS B 172 -16.33 2.48 -12.36
C LYS B 172 -17.48 3.35 -11.91
N SER B 173 -18.01 3.15 -10.71
CA SER B 173 -18.99 4.09 -10.19
C SER B 173 -18.33 5.34 -9.63
N GLU B 174 -17.06 5.24 -9.20
CA GLU B 174 -16.32 6.44 -8.79
C GLU B 174 -15.92 7.28 -9.99
N TYR B 175 -15.49 6.64 -11.07
CA TYR B 175 -15.20 7.34 -12.33
C TYR B 175 -15.54 6.41 -13.48
N PRO B 176 -16.65 6.66 -14.18
CA PRO B 176 -17.16 5.68 -15.14
C PRO B 176 -16.60 5.72 -16.55
N TRP B 177 -15.73 6.66 -16.90
CA TRP B 177 -15.27 6.78 -18.28
C TRP B 177 -13.87 6.21 -18.45
N ASP B 178 -13.51 5.95 -19.71
CA ASP B 178 -12.27 5.26 -20.05
C ASP B 178 -11.04 6.12 -19.86
N ARG B 179 -11.18 7.45 -19.92
CA ARG B 179 -10.02 8.33 -19.92
C ARG B 179 -10.23 9.45 -18.91
N TYR B 180 -9.11 9.93 -18.36
CA TYR B 180 -9.12 11.13 -17.55
C TYR B 180 -9.02 12.37 -18.45
N PRO B 181 -9.41 13.53 -17.95
CA PRO B 181 -9.13 14.77 -18.68
C PRO B 181 -7.65 15.03 -18.64
N PRO B 182 -7.16 16.00 -19.41
CA PRO B 182 -5.79 16.49 -19.16
C PRO B 182 -5.73 17.04 -17.75
N PHE B 183 -4.65 16.74 -17.04
CA PHE B 183 -4.42 17.39 -15.77
C PHE B 183 -2.93 17.43 -15.51
N CYS B 184 -2.55 18.08 -14.41
CA CYS B 184 -1.17 18.20 -13.98
C CYS B 184 -0.96 17.41 -12.68
N SER B 185 0.21 16.80 -12.53
CA SER B 185 0.53 16.08 -11.27
C SER B 185 0.25 16.94 -10.04
N GLY B 186 -0.32 16.34 -9.00
CA GLY B 186 -0.56 17.04 -7.73
C GLY B 186 0.71 17.23 -6.94
N THR B 187 1.82 16.60 -7.35
CA THR B 187 3.11 16.90 -6.69
C THR B 187 3.11 18.39 -6.53
N GLY B 188 2.59 19.11 -7.53
CA GLY B 188 2.35 20.55 -7.36
C GLY B 188 2.23 21.23 -8.70
N TYR B 189 1.29 22.16 -8.77
CA TYR B 189 1.02 22.86 -10.04
C TYR B 189 0.83 24.32 -9.73
N VAL B 190 0.94 25.15 -10.76
CA VAL B 190 0.84 26.63 -10.54
C VAL B 190 -0.28 27.17 -11.44
N PHE B 191 -1.05 28.10 -10.89
CA PHE B 191 -2.12 28.72 -11.68
C PHE B 191 -2.17 30.19 -11.36
N SER B 192 -2.54 31.00 -12.35
CA SER B 192 -2.79 32.41 -12.07
C SER B 192 -3.93 32.54 -11.07
N GLY B 193 -3.87 33.56 -10.23
CA GLY B 193 -4.78 33.68 -9.10
C GLY B 193 -6.26 33.66 -9.49
N ASP B 194 -6.62 34.23 -10.64
CA ASP B 194 -8.02 34.23 -11.08
C ASP B 194 -8.58 32.82 -11.22
N VAL B 195 -7.73 31.85 -11.58
CA VAL B 195 -8.20 30.49 -11.76
C VAL B 195 -8.79 29.94 -10.47
N ALA B 196 -8.29 30.37 -9.31
CA ALA B 196 -8.85 29.90 -8.05
C ALA B 196 -10.34 30.17 -7.98
N SER B 197 -10.73 31.41 -8.27
CA SER B 197 -12.15 31.74 -8.21
C SER B 197 -12.93 31.00 -9.27
N GLN B 198 -12.36 30.86 -10.48
CA GLN B 198 -13.12 30.19 -11.54
C GLN B 198 -13.36 28.70 -11.20
N VAL B 199 -12.32 27.99 -10.74
CA VAL B 199 -12.48 26.60 -10.35
C VAL B 199 -13.45 26.47 -9.19
N TYR B 200 -13.29 27.30 -8.15
CA TYR B 200 -14.21 27.20 -7.02
C TYR B 200 -15.65 27.43 -7.47
N ASN B 201 -15.85 28.35 -8.42
CA ASN B 201 -17.18 28.59 -8.96
C ASN B 201 -17.76 27.35 -9.62
N VAL B 202 -16.97 26.73 -10.49
CA VAL B 202 -17.51 25.61 -11.28
C VAL B 202 -17.51 24.28 -10.54
N SER B 203 -16.86 24.20 -9.38
CA SER B 203 -16.54 22.90 -8.79
C SER B 203 -17.79 22.09 -8.43
N LYS B 204 -18.83 22.75 -7.88
CA LYS B 204 -19.99 21.97 -7.44
C LYS B 204 -20.86 21.50 -8.59
N SER B 205 -20.58 21.88 -9.83
CA SER B 205 -21.27 21.35 -10.99
C SER B 205 -20.46 20.29 -11.72
N VAL B 206 -19.24 20.03 -11.27
CA VAL B 206 -18.33 19.09 -11.93
C VAL B 206 -18.35 17.76 -11.17
N PRO B 207 -18.42 16.63 -11.86
CA PRO B 207 -18.48 15.34 -11.15
C PRO B 207 -17.26 15.18 -10.22
N TYR B 208 -17.53 14.76 -8.99
CA TYR B 208 -16.50 14.62 -7.98
C TYR B 208 -15.67 13.36 -8.19
N ILE B 209 -14.39 13.47 -7.87
CA ILE B 209 -13.46 12.34 -7.84
C ILE B 209 -12.51 12.56 -6.67
N LYS B 210 -12.14 11.47 -6.00
CA LYS B 210 -11.32 11.58 -4.81
C LYS B 210 -9.85 11.84 -5.12
N LEU B 211 -9.47 11.87 -6.39
CA LEU B 211 -8.10 12.20 -6.80
C LEU B 211 -8.07 13.68 -7.16
N GLU B 212 -7.39 14.48 -6.33
CA GLU B 212 -7.57 15.94 -6.39
C GLU B 212 -7.06 16.51 -7.71
N ASP B 213 -5.92 16.02 -8.22
CA ASP B 213 -5.37 16.59 -9.45
C ASP B 213 -6.27 16.28 -10.65
N VAL B 214 -6.85 15.08 -10.69
CA VAL B 214 -7.82 14.78 -11.74
C VAL B 214 -9.04 15.69 -11.60
N PHE B 215 -9.53 15.89 -10.38
CA PHE B 215 -10.71 16.73 -10.22
C PHE B 215 -10.45 18.14 -10.73
N VAL B 216 -9.32 18.71 -10.34
CA VAL B 216 -8.97 20.04 -10.87
C VAL B 216 -8.95 20.01 -12.39
N GLY B 217 -8.35 18.96 -12.97
CA GLY B 217 -8.38 18.83 -14.41
C GLY B 217 -9.78 18.88 -14.98
N LEU B 218 -10.72 18.20 -14.33
CA LEU B 218 -12.11 18.22 -14.79
C LEU B 218 -12.68 19.64 -14.76
N CYS B 219 -12.41 20.37 -13.68
CA CYS B 219 -12.85 21.77 -13.60
C CYS B 219 -12.24 22.62 -14.71
N LEU B 220 -10.92 22.52 -14.90
CA LEU B 220 -10.25 23.28 -15.95
C LEU B 220 -10.83 22.98 -17.32
N GLU B 221 -11.10 21.70 -17.58
CA GLU B 221 -11.74 21.32 -18.84
C GLU B 221 -13.12 21.96 -18.97
N ARG B 222 -13.92 21.93 -17.90
CA ARG B 222 -15.22 22.60 -17.93
C ARG B 222 -15.06 24.09 -18.25
N LEU B 223 -14.00 24.72 -17.73
CA LEU B 223 -13.76 26.14 -17.92
C LEU B 223 -13.10 26.48 -19.26
N ASN B 224 -12.73 25.49 -20.07
CA ASN B 224 -12.00 25.71 -21.32
C ASN B 224 -10.61 26.31 -21.06
N ILE B 225 -10.06 26.13 -19.86
CA ILE B 225 -8.70 26.57 -19.56
C ILE B 225 -7.73 25.47 -20.00
N ARG B 226 -6.94 25.75 -21.03
CA ARG B 226 -6.01 24.75 -21.53
C ARG B 226 -4.73 24.78 -20.72
N LEU B 227 -4.19 23.58 -20.46
CA LEU B 227 -2.90 23.48 -19.77
C LEU B 227 -1.78 23.99 -20.66
N GLU B 228 -0.81 24.66 -20.05
CA GLU B 228 0.39 25.11 -20.76
C GLU B 228 1.65 24.69 -20.01
N GLU B 229 2.70 24.33 -20.76
CA GLU B 229 4.03 24.15 -20.19
C GLU B 229 4.59 25.49 -19.71
N LEU B 230 5.30 25.46 -18.57
CA LEU B 230 5.85 26.68 -18.01
C LEU B 230 7.04 27.18 -18.84
N HIS B 231 7.76 26.28 -19.49
CA HIS B 231 9.03 26.62 -20.11
C HIS B 231 9.33 25.62 -21.21
N SER B 232 10.27 25.98 -22.09
CA SER B 232 10.66 25.11 -23.19
C SER B 232 11.35 23.84 -22.70
N GLN B 233 11.85 23.85 -21.48
CA GLN B 233 12.45 22.67 -20.88
C GLN B 233 11.61 22.20 -19.70
N PRO B 234 11.67 20.92 -19.37
CA PRO B 234 10.92 20.43 -18.21
C PRO B 234 11.41 21.08 -16.91
N THR B 235 10.47 21.48 -16.08
CA THR B 235 10.80 22.10 -14.82
C THR B 235 10.11 21.47 -13.61
N PHE B 236 9.11 20.61 -13.81
CA PHE B 236 8.46 19.90 -12.72
C PHE B 236 8.81 18.42 -12.83
N PHE B 237 9.17 17.79 -11.70
CA PHE B 237 9.69 16.42 -11.70
C PHE B 237 9.02 15.58 -10.62
N PRO B 238 7.80 15.11 -10.88
CA PRO B 238 7.14 14.22 -9.90
C PRO B 238 7.89 12.92 -9.67
N GLY B 239 8.70 12.48 -10.63
CA GLY B 239 9.48 11.27 -10.48
C GLY B 239 10.78 11.42 -9.74
N GLY B 240 11.15 12.65 -9.36
CA GLY B 240 12.37 12.90 -8.63
C GLY B 240 13.56 13.11 -9.56
N LEU B 241 14.69 13.49 -8.95
CA LEU B 241 15.87 13.86 -9.73
C LEU B 241 17.15 13.53 -8.97
N ARG B 242 18.18 13.20 -9.74
CA ARG B 242 19.54 13.11 -9.22
C ARG B 242 20.02 14.52 -8.90
N PHE B 243 20.45 14.76 -7.67
CA PHE B 243 20.73 16.12 -7.25
C PHE B 243 22.06 16.63 -7.81
N SER B 244 22.03 17.88 -8.27
CA SER B 244 23.24 18.66 -8.44
C SER B 244 22.88 20.14 -8.27
N VAL B 245 23.83 20.93 -7.78
CA VAL B 245 23.59 22.35 -7.61
C VAL B 245 23.16 22.98 -8.93
N CYS B 246 23.88 22.65 -10.00
CA CYS B 246 23.63 23.30 -11.28
C CYS B 246 22.27 22.89 -11.84
N LEU B 247 21.88 21.63 -11.67
CA LEU B 247 20.56 21.21 -12.12
C LEU B 247 19.47 21.88 -11.31
N PHE B 248 19.60 21.86 -9.98
CA PHE B 248 18.51 22.39 -9.15
C PHE B 248 18.41 23.90 -9.22
N ARG B 249 19.42 24.59 -9.76
CA ARG B 249 19.23 26.02 -10.02
C ARG B 249 18.26 26.29 -11.16
N ARG B 250 18.05 25.32 -12.06
CA ARG B 250 17.21 25.53 -13.23
C ARG B 250 16.05 24.54 -13.27
N ILE B 251 15.50 24.20 -12.10
CA ILE B 251 14.25 23.45 -12.03
C ILE B 251 13.31 24.18 -11.09
N VAL B 252 12.02 23.88 -11.21
CA VAL B 252 11.01 24.46 -10.35
C VAL B 252 10.63 23.52 -9.20
N ALA B 253 10.43 22.24 -9.47
CA ALA B 253 9.88 21.37 -8.44
C ALA B 253 10.43 19.96 -8.59
N CYS B 254 10.85 19.37 -7.47
CA CYS B 254 11.34 18.00 -7.48
C CYS B 254 10.74 17.25 -6.32
N HIS B 255 10.15 16.09 -6.61
CA HIS B 255 9.43 15.23 -5.69
C HIS B 255 10.38 14.23 -5.03
N PHE B 256 9.86 13.50 -4.04
CA PHE B 256 10.57 12.41 -3.35
C PHE B 256 11.78 12.90 -2.56
N ILE B 257 11.60 13.98 -1.81
CA ILE B 257 12.67 14.58 -1.04
C ILE B 257 12.24 14.62 0.43
N LYS B 258 12.91 13.84 1.29
CA LYS B 258 12.61 13.82 2.72
C LYS B 258 13.23 15.02 3.43
N PRO B 259 12.76 15.31 4.66
CA PRO B 259 13.21 16.54 5.33
C PRO B 259 14.72 16.68 5.44
N ARG B 260 15.42 15.68 5.97
CA ARG B 260 16.87 15.75 6.05
C ARG B 260 17.48 16.08 4.70
N THR B 261 17.04 15.39 3.66
CA THR B 261 17.57 15.61 2.32
C THR B 261 17.33 17.04 1.87
N LEU B 262 16.13 17.57 2.17
CA LEU B 262 15.81 18.93 1.75
C LEU B 262 16.70 19.94 2.44
N LEU B 263 16.93 19.75 3.74
CA LEU B 263 17.84 20.65 4.45
C LEU B 263 19.24 20.59 3.84
N ASP B 264 19.67 19.38 3.46
CA ASP B 264 21.00 19.26 2.84
C ASP B 264 21.05 19.92 1.47
N TYR B 265 20.00 19.77 0.66
CA TYR B 265 19.98 20.41 -0.66
C TYR B 265 19.98 21.92 -0.51
N TRP B 266 19.17 22.44 0.42
CA TRP B 266 19.14 23.88 0.65
C TRP B 266 20.52 24.38 1.06
N GLN B 267 21.16 23.69 2.01
CA GLN B 267 22.51 24.04 2.41
C GLN B 267 23.47 23.99 1.23
N ALA B 268 23.37 22.95 0.40
CA ALA B 268 24.22 22.85 -0.78
C ALA B 268 24.08 24.10 -1.65
N LEU B 269 22.84 24.53 -1.88
CA LEU B 269 22.61 25.69 -2.74
C LEU B 269 23.15 26.97 -2.11
N GLU B 270 23.00 27.11 -0.79
CA GLU B 270 23.61 28.25 -0.12
C GLU B 270 25.13 28.23 -0.28
N ASN B 271 25.77 27.11 0.07
CA ASN B 271 27.22 27.00 0.05
C ASN B 271 27.80 27.30 -1.33
N SER B 272 27.08 26.97 -2.39
CA SER B 272 27.54 27.17 -3.76
C SER B 272 27.01 28.44 -4.39
N ARG B 273 26.23 29.21 -3.65
CA ARG B 273 25.81 30.53 -4.09
C ARG B 273 27.02 31.34 -4.53
N GLY B 274 27.00 31.81 -5.77
CA GLY B 274 28.11 32.57 -6.29
C GLY B 274 29.15 31.78 -7.07
N GLU B 275 28.96 30.47 -7.21
CA GLU B 275 29.71 29.71 -8.20
C GLU B 275 28.96 29.71 -9.52
N ASP B 276 29.66 29.34 -10.59
CA ASP B 276 29.09 29.38 -11.93
C ASP B 276 28.73 27.97 -12.41
N CYS B 277 27.81 27.92 -13.38
CA CYS B 277 27.31 26.71 -14.01
C CYS B 277 27.25 26.93 -15.52
N PRO B 278 27.57 25.90 -16.32
CA PRO B 278 27.59 26.01 -17.80
C PRO B 278 26.28 26.51 -18.39
C1 NAG C . -11.60 -12.25 16.53
C2 NAG C . -11.79 -12.09 18.04
C3 NAG C . -13.10 -11.37 18.33
C4 NAG C . -13.25 -10.08 17.52
C5 NAG C . -13.00 -10.38 16.04
C6 NAG C . -12.99 -9.12 15.19
C7 NAG C . -11.01 -13.69 19.72
C8 NAG C . -11.17 -15.08 20.29
N2 NAG C . -11.78 -13.39 18.68
O3 NAG C . -13.18 -11.07 19.73
O4 NAG C . -14.57 -9.56 17.67
O5 NAG C . -11.71 -10.98 15.89
O6 NAG C . -11.84 -8.34 15.50
O7 NAG C . -10.19 -12.90 20.18
C1 NAG C . -14.53 -8.19 18.15
C2 NAG C . -15.92 -7.55 18.10
C3 NAG C . -15.92 -6.17 18.77
C4 NAG C . -15.24 -6.18 20.14
C5 NAG C . -13.87 -6.83 20.02
C6 NAG C . -13.13 -6.95 21.33
C7 NAG C . -16.76 -8.47 15.97
C8 NAG C . -17.22 -8.13 14.58
N2 NAG C . -16.37 -7.43 16.73
O3 NAG C . -17.27 -5.72 18.91
O4 NAG C . -15.08 -4.84 20.59
O5 NAG C . -14.03 -8.16 19.49
O6 NAG C . -11.98 -7.76 21.17
O7 NAG C . -16.74 -9.63 16.39
C1 NAG D . -0.20 -38.26 -15.38
C2 NAG D . 0.00 -39.68 -14.90
C3 NAG D . 1.26 -40.28 -15.52
C4 NAG D . 1.28 -40.10 -17.04
C5 NAG D . 1.00 -38.65 -17.40
C6 NAG D . 0.80 -38.43 -18.88
C7 NAG D . -0.83 -40.38 -12.72
C8 NAG D . -1.11 -39.77 -11.38
N2 NAG D . 0.09 -39.76 -13.46
O3 NAG D . 1.34 -41.65 -15.18
O4 NAG D . 2.57 -40.48 -17.49
O5 NAG D . -0.24 -38.24 -16.79
O6 NAG D . -0.06 -39.45 -19.39
O7 NAG D . -1.40 -41.39 -13.12
C1 FUC D . -0.97 -39.03 -20.36
C2 FUC D . -1.73 -40.24 -20.83
C3 FUC D . -2.64 -40.78 -19.75
C4 FUC D . -3.55 -39.70 -19.23
C5 FUC D . -2.71 -38.52 -18.75
C6 FUC D . -3.54 -37.34 -18.30
O2 FUC D . -0.81 -41.24 -21.27
O3 FUC D . -3.41 -41.86 -20.28
O4 FUC D . -4.46 -39.28 -20.24
O5 FUC D . -1.88 -38.04 -19.83
C1 NAG E . -13.37 13.05 4.76
C2 NAG E . -13.63 11.59 5.13
C3 NAG E . -15.03 11.42 5.71
C4 NAG E . -15.27 12.45 6.81
C5 NAG E . -15.01 13.84 6.28
C6 NAG E . -15.23 14.91 7.31
C7 NAG E . -12.79 9.58 4.02
C8 NAG E . -12.68 8.85 2.72
N2 NAG E . -13.49 10.73 3.97
O3 NAG E . -15.17 10.09 6.21
O4 NAG E . -16.65 12.44 7.16
O5 NAG E . -13.63 13.92 5.86
O6 NAG E . -14.68 14.51 8.56
O7 NAG E . -12.29 9.17 5.05
C1 NAG E . -17.33 11.66 8.10
C2 NAG E . -17.11 12.02 9.57
C3 NAG E . -18.33 12.76 10.12
C4 NAG E . -18.90 13.64 9.03
C5 NAG E . -19.49 12.77 7.92
C6 NAG E . -19.52 13.45 6.57
C7 NAG E . -15.83 10.00 9.99
C8 NAG E . -16.22 8.56 9.80
N2 NAG E . -16.82 10.83 10.34
O3 NAG E . -17.96 13.51 11.26
O4 NAG E . -19.94 14.45 9.56
O5 NAG E . -18.71 11.55 7.77
O6 NAG E . -19.63 12.52 5.50
O7 NAG E . -14.68 10.40 9.85
C1 NAG F . 2.90 40.59 -21.46
C2 NAG F . 4.14 41.32 -22.00
C3 NAG F . 3.71 42.58 -22.72
C4 NAG F . 2.68 42.24 -23.77
C5 NAG F . 1.46 41.62 -23.09
C6 NAG F . 0.40 41.15 -24.06
C7 NAG F . 6.33 41.21 -20.83
C8 NAG F . 6.77 40.11 -21.73
N2 NAG F . 5.06 41.62 -20.94
O3 NAG F . 4.83 43.22 -23.30
O4 NAG F . 2.33 43.45 -24.44
O5 NAG F . 1.86 40.42 -22.40
O6 NAG F . 0.97 40.19 -24.93
O7 NAG F . 7.08 41.70 -20.00
H1 NAG F . 2.58 41.07 -20.67
H2 NAG F . 4.54 40.73 -22.68
H3 NAG F . 3.29 43.19 -22.05
H4 NAG F . 3.06 41.60 -24.41
H5 NAG F . 1.08 42.26 -22.45
H61 NAG F . 0.06 41.91 -24.56
H62 NAG F . -0.34 40.75 -23.55
H81 NAG F . 6.77 40.42 -22.65
H82 NAG F . 6.16 39.35 -21.65
H83 NAG F . 7.67 39.82 -21.48
HN2 NAG F . 4.77 42.13 -20.29
HO3 NAG F . 4.72 43.24 -24.12
C1 NAG F . 2.05 43.41 -25.80
C2 NAG F . 1.69 44.81 -26.29
C3 NAG F . 1.37 44.75 -27.76
C4 NAG F . 2.49 44.08 -28.52
C5 NAG F . 2.80 42.72 -27.91
C6 NAG F . 3.96 42.01 -28.57
C7 NAG F . 0.66 45.95 -24.37
C8 NAG F . -0.64 46.14 -23.66
N2 NAG F . 0.59 45.41 -25.58
O3 NAG F . 1.16 46.07 -28.24
O4 NAG F . 2.11 43.87 -29.89
O5 NAG F . 3.15 42.92 -26.53
O6 NAG F . 5.17 42.67 -28.28
O7 NAG F . 1.73 46.26 -23.85
H1 NAG F . 1.28 42.82 -25.96
H2 NAG F . 2.49 45.38 -26.17
H3 NAG F . 0.54 44.23 -27.89
H4 NAG F . 3.30 44.64 -28.50
H5 NAG F . 1.99 42.15 -27.97
H61 NAG F . 3.82 42.00 -29.54
H62 NAG F . 4.01 41.09 -28.24
H81 NAG F . -1.11 45.30 -23.61
H82 NAG F . -1.18 46.79 -24.15
H83 NAG F . -0.48 46.48 -22.76
HN2 NAG F . -0.20 45.42 -25.98
HO3 NAG F . 1.60 46.17 -28.95
HO6 NAG F . 5.06 43.18 -27.61
C1 BMA F . 2.85 44.44 -30.90
C2 BMA F . 2.92 43.56 -32.10
C3 BMA F . 3.56 44.27 -33.27
C4 BMA F . 2.88 45.59 -33.52
C5 BMA F . 2.84 46.40 -32.24
C6 BMA F . 2.03 47.65 -32.38
O2 BMA F . 1.61 43.10 -32.45
O3 BMA F . 3.43 43.48 -34.43
O4 BMA F . 3.59 46.31 -34.50
O5 BMA F . 2.21 45.66 -31.21
O6 BMA F . 0.71 47.32 -32.85
H1 BMA F . 3.77 44.63 -30.57
H2 BMA F . 3.47 42.78 -31.87
H3 BMA F . 4.51 44.42 -33.08
H4 BMA F . 1.96 45.42 -33.84
H5 BMA F . 3.76 46.63 -31.96
H61 BMA F . 2.46 48.25 -33.02
H62 BMA F . 1.96 48.10 -31.52
HO2 BMA F . 1.60 42.91 -33.26
HO4 BMA F . 4.39 46.38 -34.26
C1 MAN F . 4.57 42.82 -34.85
C2 MAN F . 4.31 42.39 -36.26
C3 MAN F . 3.19 41.38 -36.30
C4 MAN F . 3.42 40.24 -35.33
C5 MAN F . 3.79 40.74 -33.95
C6 MAN F . 4.27 39.64 -33.04
O2 MAN F . 5.51 41.87 -36.84
O3 MAN F . 3.07 40.87 -37.62
O4 MAN F . 2.22 39.49 -35.21
O5 MAN F . 4.87 41.68 -34.03
O6 MAN F . 4.38 40.11 -31.70
H1 MAN F . 5.35 43.43 -34.82
H2 MAN F . 4.03 43.19 -36.76
H3 MAN F . 2.34 41.83 -36.06
H4 MAN F . 4.14 39.66 -35.68
H5 MAN F . 3.00 41.17 -33.54
H61 MAN F . 5.15 39.32 -33.34
H62 MAN F . 3.65 38.89 -33.07
HO2 MAN F . 5.31 41.21 -37.32
HO3 MAN F . 3.29 40.06 -37.63
HO4 MAN F . 1.65 39.94 -34.79
HO6 MAN F . 4.55 40.94 -31.71
C1 MAN F . -0.15 48.38 -33.13
C2 MAN F . -1.46 47.81 -33.61
C3 MAN F . -1.35 47.22 -35.00
C4 MAN F . -0.72 48.20 -35.95
C5 MAN F . 0.60 48.70 -35.39
C6 MAN F . 1.23 49.78 -36.23
O2 MAN F . -2.46 48.82 -33.58
O3 MAN F . -2.64 46.85 -35.47
O4 MAN F . -0.49 47.56 -37.20
O5 MAN F . 0.38 49.28 -34.10
O6 MAN F . 0.56 51.02 -36.04
H1 MAN F . -0.33 48.89 -32.30
H2 MAN F . -1.73 47.10 -32.99
H3 MAN F . -0.78 46.41 -34.95
H4 MAN F . -1.32 48.97 -36.09
H5 MAN F . 1.23 47.94 -35.30
H61 MAN F . 1.20 49.53 -37.17
H62 MAN F . 2.18 49.88 -35.97
HO2 MAN F . -2.99 48.71 -34.22
HO3 MAN F . -2.83 47.34 -36.13
HO4 MAN F . 0.14 47.00 -37.10
HO6 MAN F . 0.03 50.95 -35.39
C1 FUC F . 0.26 40.00 -26.12
C2 FUC F . 1.04 39.01 -26.94
C3 FUC F . 1.03 37.63 -26.34
C4 FUC F . -0.38 37.18 -25.98
C5 FUC F . -1.05 38.26 -25.12
C6 FUC F . -2.48 37.94 -24.78
O2 FUC F . 2.38 39.46 -27.08
O3 FUC F . 1.59 36.71 -27.27
O4 FUC F . -1.15 36.98 -27.16
O5 FUC F . -1.04 39.51 -25.83
H1 FUC F . 0.18 40.86 -26.60
H2 FUC F . 0.63 38.98 -27.83
H3 FUC F . 1.57 37.63 -25.52
H4 FUC F . -0.34 36.34 -25.47
H5 FUC F . -0.53 38.34 -24.28
H61 FUC F . -3.05 38.25 -25.51
H62 FUC F . -2.73 38.39 -23.96
H63 FUC F . -2.59 36.99 -24.68
HO2 FUC F . 2.49 40.14 -26.58
HO3 FUC F . 1.03 36.57 -27.88
HO4 FUC F . -1.43 37.73 -27.45
C2 BGC G . 0.66 -30.84 25.74
C3 BGC G . -0.17 -31.24 24.54
C4 BGC G . 0.28 -30.52 23.27
C5 BGC G . 1.78 -30.60 23.10
C6 BGC G . 2.27 -29.76 21.95
C1 BGC G . 2.15 -30.87 25.45
O1 BGC G . 2.83 -30.34 26.54
O2 BGC G . 0.37 -31.70 26.84
O3 BGC G . -1.53 -30.94 24.81
O4 BGC G . -0.33 -31.14 22.15
O5 BGC G . 2.43 -30.11 24.28
O6 BGC G . 1.93 -28.39 22.16
C1 GAL G . -0.24 -32.51 22.06
C2 GAL G . -1.60 -33.13 21.85
C3 GAL G . -1.48 -34.63 21.68
C4 GAL G . -0.54 -34.92 20.53
C5 GAL G . 0.82 -34.29 20.82
C6 GAL G . 1.80 -34.48 19.70
O2 GAL G . -2.48 -32.81 22.92
O3 GAL G . -2.77 -35.18 21.47
O4 GAL G . -1.04 -34.31 19.34
O5 GAL G . 0.64 -32.87 21.01
O6 GAL G . 1.90 -33.31 18.88
C1 GLA G . -1.27 -35.06 18.19
C2 GLA G . -1.51 -34.11 17.02
C3 GLA G . -2.81 -33.36 17.18
C4 GLA G . -3.94 -34.34 17.40
C5 GLA G . -3.63 -35.22 18.59
C6 GLA G . -4.69 -36.26 18.85
O2 GLA G . -0.40 -33.21 16.89
O3 GLA G . -3.06 -32.58 16.02
O4 GLA G . -4.08 -35.17 16.25
O5 GLA G . -2.40 -35.92 18.34
O6 GLA G . -4.13 -37.50 19.22
C1 NGA G . -3.86 -31.23 16.50
C2 NGA G . -3.59 -30.52 15.18
C3 NGA G . -4.54 -29.33 15.01
C4 NGA G . -5.98 -29.74 15.21
C5 NGA G . -6.13 -30.50 16.52
C6 NGA G . -7.51 -31.07 16.69
C7 NGA G . -1.40 -30.61 14.18
C8 NGA G . 0.04 -30.16 14.25
N2 NGA G . -2.22 -30.09 15.10
O3 NGA G . -4.33 -28.82 13.70
O4 NGA G . -6.38 -30.59 14.14
O5 NGA G . -5.23 -31.62 16.52
O6 NGA G . -7.64 -31.66 17.97
O7 NGA G . -1.81 -31.39 13.34
C1 GAL H . 2.99 3.24 -9.29
C2 GAL H . 2.04 3.44 -10.47
C3 GAL H . 2.82 3.55 -11.76
C4 GAL H . 3.55 4.88 -11.71
C5 GAL H . 4.48 4.90 -10.49
C6 GAL H . 4.83 6.31 -10.04
O2 GAL H . 1.12 2.36 -10.62
O3 GAL H . 1.93 3.57 -12.88
O4 GAL H . 2.61 5.94 -11.58
O5 GAL H . 3.97 4.29 -9.26
O6 GAL H . 5.09 6.33 -8.64
C1 GLA H . 2.66 6.85 -12.70
C2 GLA H . 2.13 8.22 -12.28
C3 GLA H . 0.65 8.17 -12.05
C4 GLA H . -0.05 7.64 -13.28
C5 GLA H . 0.45 6.23 -13.65
C6 GLA H . -0.21 5.73 -14.91
O2 GLA H . 2.83 8.67 -11.10
O3 GLA H . 0.20 9.50 -11.74
O4 GLA H . 0.19 8.51 -14.37
O5 GLA H . 1.91 6.25 -13.86
O6 GLA H . 0.10 4.35 -15.04
C1 NGA H . -0.77 9.55 -10.74
C2 NGA H . -0.69 10.81 -9.87
C3 NGA H . -1.78 10.75 -8.81
C4 NGA H . -3.15 10.51 -9.44
C5 NGA H . -3.09 9.26 -10.30
C6 NGA H . -4.38 9.02 -11.05
C7 NGA H . 1.60 11.68 -9.77
C8 NGA H . 2.90 11.63 -9.04
N2 NGA H . 0.62 10.94 -9.26
O3 NGA H . -1.76 11.95 -8.06
O4 NGA H . -3.48 11.62 -10.27
O5 NGA H . -2.07 9.45 -11.31
O6 NGA H . -4.44 7.67 -11.53
O7 NGA H . 1.45 12.35 -10.78
MN MN I . 3.35 -24.39 14.07
N1 UDP J . -0.55 -17.58 14.13
C2 UDP J . -1.06 -16.42 13.58
N3 UDP J . -1.62 -15.55 14.47
C4 UDP J . -1.73 -15.73 15.83
C5 UDP J . -1.17 -16.95 16.34
C6 UDP J . -0.62 -17.81 15.47
O2 UDP J . -1.02 -16.18 12.38
O4 UDP J . -2.25 -14.85 16.51
C1' UDP J . 0.06 -18.54 13.22
C2' UDP J . 1.51 -18.86 13.57
O2' UDP J . 2.38 -17.85 13.09
C3' UDP J . 1.68 -20.18 12.82
C4' UDP J . 0.31 -20.85 13.02
O4' UDP J . -0.61 -19.77 13.34
O3' UDP J . 1.94 -19.92 11.46
C5' UDP J . 0.23 -21.92 14.09
O5' UDP J . 0.60 -21.37 15.37
PA UDP J . 1.73 -22.07 16.25
O1A UDP J . 2.05 -21.19 17.41
O2A UDP J . 2.87 -22.47 15.38
O3A UDP J . 0.95 -23.37 16.81
PB UDP J . 0.84 -24.93 16.44
O1B UDP J . 1.02 -25.70 17.71
O2B UDP J . -0.51 -25.11 15.83
O3B UDP J . 1.96 -25.18 15.45
C1 B3P K . -22.59 -35.04 12.75
C2 B3P K . -21.04 -35.12 12.74
C3 B3P K . -23.04 -33.68 12.19
N1 B3P K . -23.02 -33.77 10.73
C4 B3P K . -23.51 -32.57 10.01
C5 B3P K . -25.03 -32.42 10.18
C6 B3P K . -23.14 -32.85 8.55
C7 B3P K . -22.92 -31.24 10.49
N2 B3P K . -20.62 -35.57 11.40
C8 B3P K . -19.18 -35.41 11.10
C9 B3P K . -18.94 -36.18 9.80
C10 B3P K . -18.32 -35.97 12.23
C11 B3P K . -18.83 -33.94 10.90
O1 B3P K . -17.57 -36.21 9.51
O2 B3P K . -18.61 -37.32 12.40
O3 B3P K . -19.76 -33.38 10.04
O4 B3P K . -25.69 -33.59 9.77
O5 B3P K . -23.63 -31.87 7.68
O6 B3P K . -21.52 -31.29 10.46
H11 B3P K . -22.91 -35.14 13.66
H12 B3P K . -22.94 -35.74 12.20
H21 B3P K . -20.76 -35.76 13.42
H22 B3P K . -20.68 -34.25 12.95
H31 B3P K . -23.92 -33.47 12.52
H32 B3P K . -22.40 -33.00 12.49
HN1 B3P K . -23.48 -34.48 10.47
H51 B3P K . -25.22 -32.26 11.12
H52 B3P K . -25.34 -31.66 9.67
H61 B3P K . -23.49 -33.72 8.30
H62 B3P K . -22.18 -32.88 8.48
H71 B3P K . -23.22 -30.53 9.92
H72 B3P K . -23.22 -31.07 11.40
HN2 B3P K . -20.86 -36.42 11.28
H91 B3P K . -19.40 -35.74 9.07
H92 B3P K . -19.29 -37.08 9.88
H101 B3P K . -17.37 -35.86 12.00
H102 B3P K . -18.49 -35.48 13.04
H111 B3P K . -18.90 -33.50 11.75
H112 B3P K . -17.93 -33.85 10.55
HO1 B3P K . -17.22 -36.93 9.81
HO2 B3P K . -18.30 -37.58 13.15
HO3 B3P K . -19.44 -33.32 9.25
HO4 B3P K . -25.84 -33.55 8.93
HO5 B3P K . -24.42 -32.07 7.44
HO6 B3P K . -21.22 -31.70 11.14
C1 PEG L . -6.96 -0.32 0.77
O1 PEG L . -6.56 0.98 0.36
C2 PEG L . -7.14 -1.27 -0.38
O2 PEG L . -5.89 -1.50 -1.01
C3 PEG L . -4.86 -1.84 -0.08
C4 PEG L . -3.56 -2.02 -0.79
O4 PEG L . -2.46 -1.62 -0.01
C1 PEG M . 16.44 -26.56 -3.01
O1 PEG M . 16.27 -25.55 -2.04
C2 PEG M . 15.55 -27.74 -2.75
O2 PEG M . 15.26 -28.40 -3.97
C3 PEG M . 15.43 -29.81 -3.89
C4 PEG M . 14.53 -30.48 -4.88
O4 PEG M . 13.72 -31.46 -4.28
C1 GAL N . -3.33 -26.88 13.77
C2 GAL N . -2.24 -26.26 12.90
C3 GAL N . -2.49 -24.80 12.65
C4 GAL N . -3.98 -24.57 12.63
C5 GAL N . -4.53 -24.70 14.01
C6 GAL N . -6.04 -24.69 14.04
O2 GAL N . -0.96 -26.47 13.49
O3 GAL N . -1.94 -24.44 11.39
O4 GAL N . -4.61 -25.54 11.81
O5 GAL N . -4.15 -25.98 14.54
O6 GAL N . -6.54 -23.35 13.98
MN MN O . 4.53 12.83 -2.35
N1 UDP P . -1.30 14.11 2.52
C2 UDP P . -1.92 14.75 3.59
N3 UDP P . -2.73 13.95 4.34
C4 UDP P . -2.96 12.60 4.17
C5 UDP P . -2.28 12.01 3.05
C6 UDP P . -1.48 12.78 2.29
O2 UDP P . -1.79 15.94 3.84
O4 UDP P . -3.71 12.01 4.94
C1' UDP P . -0.40 14.91 1.67
C2' UDP P . 1.04 14.42 1.71
O2' UDP P . 1.71 15.11 2.75
C3' UDP P . 1.53 14.81 0.32
C4' UDP P . 0.29 14.51 -0.54
O4' UDP P . -0.83 14.80 0.32
O3' UDP P . 1.87 16.18 0.30
C5' UDP P . 0.13 13.11 -1.07
O5' UDP P . 1.43 12.50 -1.25
PA UDP P . 1.93 11.24 -0.40
O1A UDP P . 0.96 10.91 0.67
O2A UDP P . 3.36 11.47 -0.01
O3A UDP P . 1.87 10.12 -1.53
PB UDP P . 2.31 10.11 -3.07
O1B UDP P . 1.58 11.22 -3.77
O2B UDP P . 3.80 10.32 -3.07
O3B UDP P . 1.91 8.76 -3.59
C1 B3P Q . -16.96 11.72 -20.81
C2 B3P Q . -15.44 11.83 -20.45
C3 B3P Q . -17.69 13.10 -20.78
N1 B3P Q . -17.51 13.66 -19.43
C4 B3P Q . -18.12 14.98 -19.20
C5 B3P Q . -17.93 15.28 -17.71
C6 B3P Q . -19.64 14.93 -19.45
C7 B3P Q . -17.50 16.11 -20.01
N2 B3P Q . -14.82 12.91 -21.26
C8 B3P Q . -13.60 13.47 -20.62
C9 B3P Q . -12.61 12.33 -20.35
C10 B3P Q . -12.93 14.42 -21.62
C11 B3P Q . -14.08 14.24 -19.39
O1 B3P Q . -12.54 11.57 -21.53
O2 B3P Q . -11.63 14.73 -21.18
O3 B3P Q . -13.01 14.49 -18.54
O4 B3P Q . -16.57 15.12 -17.39
O5 B3P Q . -19.92 15.18 -20.80
O6 B3P Q . -18.22 17.27 -19.61
H11 B3P Q . -17.38 11.11 -20.17
H12 B3P Q . -17.05 11.34 -21.70
H21 B3P Q . -15.00 10.99 -20.64
H22 B3P Q . -15.33 12.05 -19.51
H31 B3P Q . -17.31 13.69 -21.44
H32 B3P Q . -18.64 12.98 -20.96
HN1 B3P Q . -17.89 13.08 -18.86
H51 B3P Q . -18.20 16.20 -17.52
H52 B3P Q . -18.46 14.67 -17.17
H61 B3P Q . -20.07 15.60 -18.91
H62 B3P Q . -19.97 14.05 -19.21
H71 B3P Q . -16.55 16.20 -19.78
H72 B3P Q . -17.60 15.96 -20.96
HN2 B3P Q . -15.42 13.56 -21.36
H91 B3P Q . -12.92 11.78 -19.61
H92 B3P Q . -11.73 12.69 -20.13
H101 B3P Q . -12.87 13.99 -22.49
H102 B3P Q . -13.45 15.23 -21.69
H111 B3P Q . -14.47 15.07 -19.67
H112 B3P Q . -14.75 13.70 -18.92
HO1 B3P Q . -12.66 10.75 -21.34
HO2 B3P Q . -11.05 14.41 -21.72
HO3 B3P Q . -13.03 13.95 -17.88
HO4 B3P Q . -16.22 15.88 -17.27
HO5 B3P Q . -20.45 15.84 -20.85
HO6 B3P Q . -18.63 17.59 -20.28
#